data_4BP1
#
_entry.id   4BP1
#
_cell.length_a   200.760
_cell.length_b   134.970
_cell.length_c   48.600
_cell.angle_alpha   90.00
_cell.angle_beta   96.00
_cell.angle_gamma   90.00
#
_symmetry.space_group_name_H-M   'C 1 2 1'
#
loop_
_entity.id
_entity.type
_entity.pdbx_description
1 polymer 'SPERMIDINE SYNTHASE'
2 non-polymer "5'-DEOXY-5'-METHYLTHIOADENOSINE"
3 non-polymer 1,4-DIAMINOBUTANE
4 non-polymer GLYCEROL
5 non-polymer 2-(2-{2-[2-(2-METHOXY-ETHOXY)-ETHOXY]-ETHOXY}-ETHOXY)-ETHANOL
6 water water
#
_entity_poly.entity_id   1
_entity_poly.type   'polypeptide(L)'
_entity_poly.pdbx_seq_one_letter_code
;GSKKWFSEFSIMWPGQAFSLKIKKILYETKSKYQNVLVFESTTYGKVLVLDGVIQLTEKDEFAYHEMMTHVPMTVSKEPK
NVLVVGGGDGGIIRELCKYKSVENIDICEIDETVIEVSKIYFKNISCGYEDKRVNVFIEDASKFLENVTNTYDVIIVDSS
DPIGPAETLFNQNFYEKIYNALKPNGYCVAQCESLWIHVGTIKNMIGYAKKLFKKVEYANISIPTYPCGCIGILCCSKTD
TGLTKPNKKLESKEFADLKYYNYENHSAAFKLPAFLLKEIENI
;
_entity_poly.pdbx_strand_id   A,B,C
#
# COMPACT_ATOMS: atom_id res chain seq x y z
N LYS A 3 25.31 -11.64 -19.81
CA LYS A 3 24.73 -11.93 -18.44
C LYS A 3 25.76 -11.69 -17.33
N LYS A 4 25.33 -11.76 -16.08
CA LYS A 4 26.22 -11.43 -14.96
C LYS A 4 26.39 -12.69 -14.11
N TRP A 5 27.38 -12.70 -13.19
CA TRP A 5 27.64 -13.88 -12.38
C TRP A 5 27.48 -13.60 -10.91
N PHE A 6 26.96 -14.58 -10.19
CA PHE A 6 26.90 -14.50 -8.77
C PHE A 6 28.12 -15.26 -8.22
N SER A 7 28.81 -14.70 -7.24
CA SER A 7 30.02 -15.33 -6.68
C SER A 7 29.97 -15.48 -5.19
N GLU A 8 30.26 -16.68 -4.68
CA GLU A 8 30.20 -16.94 -3.24
C GLU A 8 31.61 -16.85 -2.58
N PHE A 9 31.92 -15.71 -2.00
CA PHE A 9 33.22 -15.50 -1.30
C PHE A 9 32.90 -15.53 0.14
N SER A 10 33.87 -15.83 1.01
CA SER A 10 33.63 -15.78 2.48
C SER A 10 34.90 -16.02 3.29
N ILE A 11 34.99 -15.42 4.48
CA ILE A 11 36.15 -15.68 5.36
C ILE A 11 36.16 -17.08 5.95
N MET A 12 35.00 -17.72 5.88
CA MET A 12 34.85 -19.13 6.23
C MET A 12 35.56 -20.09 5.25
N TRP A 13 35.78 -19.66 4.00
CA TRP A 13 36.61 -20.39 3.04
C TRP A 13 37.50 -19.36 2.25
N PRO A 14 38.54 -18.85 2.93
CA PRO A 14 39.42 -17.86 2.28
C PRO A 14 40.08 -18.48 1.08
N GLY A 15 40.25 -17.68 0.03
CA GLY A 15 41.10 -18.08 -1.10
C GLY A 15 40.42 -18.86 -2.18
N GLN A 16 39.13 -19.15 -2.03
CA GLN A 16 38.43 -19.91 -3.08
C GLN A 16 37.09 -19.30 -3.25
N ALA A 17 36.45 -19.57 -4.40
CA ALA A 17 35.12 -19.11 -4.62
C ALA A 17 34.44 -19.91 -5.67
N PHE A 18 33.14 -20.05 -5.56
CA PHE A 18 32.36 -20.78 -6.58
C PHE A 18 31.40 -19.79 -7.22
N SER A 19 31.11 -19.93 -8.48
CA SER A 19 30.27 -18.98 -9.18
C SER A 19 29.19 -19.59 -10.03
N LEU A 20 28.03 -18.92 -10.07
CA LEU A 20 26.94 -19.31 -10.96
C LEU A 20 26.49 -18.12 -11.79
N LYS A 21 26.32 -18.38 -13.08
CA LYS A 21 25.82 -17.40 -13.97
C LYS A 21 24.35 -17.15 -13.69
N ILE A 22 24.03 -15.86 -13.59
CA ILE A 22 22.65 -15.35 -13.39
C ILE A 22 21.85 -15.23 -14.71
N LYS A 23 20.71 -15.94 -14.74
CA LYS A 23 19.74 -15.76 -15.78
C LYS A 23 18.84 -14.58 -15.48
N LYS A 24 18.29 -14.51 -14.26
CA LYS A 24 17.70 -13.28 -13.74
C LYS A 24 17.55 -13.25 -12.24
N ILE A 25 17.55 -12.05 -11.70
CA ILE A 25 17.39 -11.89 -10.28
C ILE A 25 15.90 -11.83 -10.01
N LEU A 26 15.44 -12.53 -8.98
CA LEU A 26 14.00 -12.66 -8.70
C LEU A 26 13.60 -11.84 -7.51
N TYR A 27 14.45 -11.74 -6.50
CA TYR A 27 14.03 -11.11 -5.28
C TYR A 27 15.23 -10.89 -4.44
N GLU A 28 15.30 -9.70 -3.83
CA GLU A 28 16.32 -9.29 -2.84
C GLU A 28 15.59 -8.62 -1.70
N THR A 29 16.06 -8.74 -0.46
CA THR A 29 15.63 -7.88 0.65
C THR A 29 16.55 -8.06 1.78
N LYS A 30 16.56 -7.12 2.72
CA LYS A 30 17.20 -7.31 4.00
C LYS A 30 16.05 -7.74 4.96
N SER A 31 16.15 -8.84 5.70
CA SER A 31 15.06 -9.24 6.56
C SER A 31 15.51 -8.80 7.92
N LYS A 32 14.75 -9.13 8.95
CA LYS A 32 15.15 -8.72 10.26
C LYS A 32 16.51 -9.36 10.62
N TYR A 33 16.85 -10.47 9.97
CA TYR A 33 18.04 -11.18 10.35
C TYR A 33 19.10 -11.30 9.26
N GLN A 34 18.75 -11.31 7.98
CA GLN A 34 19.78 -11.51 7.00
C GLN A 34 19.50 -10.93 5.62
N ASN A 35 20.52 -10.86 4.76
CA ASN A 35 20.28 -10.50 3.38
C ASN A 35 19.83 -11.71 2.60
N VAL A 36 18.72 -11.56 1.92
CA VAL A 36 18.11 -12.65 1.21
C VAL A 36 18.19 -12.31 -0.25
N LEU A 37 18.54 -13.30 -1.07
CA LEU A 37 18.61 -13.12 -2.48
C LEU A 37 18.16 -14.40 -3.13
N VAL A 38 17.31 -14.30 -4.17
CA VAL A 38 16.85 -15.44 -4.96
C VAL A 38 17.07 -15.10 -6.40
N PHE A 39 17.71 -16.01 -7.16
CA PHE A 39 17.88 -15.77 -8.58
C PHE A 39 17.70 -17.05 -9.38
N GLU A 40 17.36 -16.90 -10.65
CA GLU A 40 17.29 -18.03 -11.50
C GLU A 40 18.72 -18.09 -12.08
N SER A 41 19.41 -19.22 -11.92
CA SER A 41 20.73 -19.37 -12.53
C SER A 41 20.54 -19.95 -13.92
N THR A 42 21.60 -19.92 -14.72
CA THR A 42 21.52 -20.45 -16.07
C THR A 42 21.49 -21.98 -16.11
N THR A 43 22.15 -22.65 -15.17
CA THR A 43 22.21 -24.13 -15.23
C THR A 43 21.84 -24.87 -13.99
N TYR A 44 21.70 -24.20 -12.85
CA TYR A 44 21.36 -24.89 -11.64
C TYR A 44 19.91 -24.54 -11.18
N GLY A 45 19.14 -23.89 -12.06
CA GLY A 45 17.77 -23.45 -11.74
C GLY A 45 17.83 -22.36 -10.67
N LYS A 46 16.83 -22.29 -9.82
CA LYS A 46 16.69 -21.16 -8.90
C LYS A 46 17.56 -21.40 -7.70
N VAL A 47 18.07 -20.31 -7.15
CA VAL A 47 19.08 -20.37 -6.15
C VAL A 47 18.65 -19.47 -4.98
N LEU A 48 18.89 -19.91 -3.78
CA LEU A 48 18.50 -19.13 -2.65
C LEU A 48 19.78 -18.85 -1.93
N VAL A 49 20.02 -17.57 -1.66
CA VAL A 49 21.25 -17.08 -1.02
C VAL A 49 20.93 -16.25 0.21
N LEU A 50 21.62 -16.55 1.30
CA LEU A 50 21.49 -15.79 2.54
C LEU A 50 22.84 -15.30 2.99
N ASP A 51 22.96 -13.98 3.27
CA ASP A 51 24.23 -13.37 3.60
C ASP A 51 25.39 -13.75 2.62
N GLY A 52 25.10 -13.72 1.33
CA GLY A 52 26.08 -14.11 0.34
C GLY A 52 26.48 -15.57 0.28
N VAL A 53 25.76 -16.45 0.94
CA VAL A 53 26.12 -17.87 0.95
C VAL A 53 24.97 -18.70 0.42
N ILE A 54 25.24 -19.55 -0.55
CA ILE A 54 24.25 -20.40 -1.13
C ILE A 54 23.66 -21.39 -0.14
N GLN A 55 22.34 -21.40 0.00
CA GLN A 55 21.65 -22.32 0.91
C GLN A 55 21.17 -23.53 0.12
N LEU A 56 20.66 -23.28 -1.05
CA LEU A 56 20.27 -24.38 -1.91
C LEU A 56 20.12 -23.95 -3.33
N THR A 57 20.07 -24.94 -4.23
CA THR A 57 19.71 -24.75 -5.62
C THR A 57 18.75 -25.85 -6.04
N GLU A 58 17.89 -25.57 -7.01
CA GLU A 58 16.98 -26.58 -7.48
C GLU A 58 17.67 -27.82 -7.99
N LYS A 59 18.85 -27.71 -8.59
CA LYS A 59 19.47 -28.83 -9.31
C LYS A 59 19.94 -29.92 -8.37
N ASP A 60 20.38 -29.50 -7.19
CA ASP A 60 21.09 -30.42 -6.36
C ASP A 60 20.56 -30.53 -4.94
N GLU A 61 19.58 -29.70 -4.55
CA GLU A 61 19.13 -29.66 -3.14
C GLU A 61 18.65 -31.01 -2.63
N PHE A 62 18.21 -31.87 -3.55
CA PHE A 62 17.77 -33.17 -3.16
C PHE A 62 18.78 -34.02 -2.45
N ALA A 63 20.08 -33.74 -2.65
CA ALA A 63 21.12 -34.56 -2.08
C ALA A 63 21.22 -34.26 -0.64
N TYR A 64 21.27 -32.98 -0.35
CA TYR A 64 21.35 -32.61 1.07
C TYR A 64 20.03 -32.88 1.81
N HIS A 65 18.85 -32.67 1.18
CA HIS A 65 17.60 -32.82 1.95
C HIS A 65 17.31 -34.31 2.19
N GLU A 66 17.53 -35.15 1.17
CA GLU A 66 17.32 -36.60 1.32
C GLU A 66 18.29 -37.21 2.31
N MET A 67 19.60 -36.93 2.19
CA MET A 67 20.54 -37.52 3.15
C MET A 67 20.33 -37.05 4.61
N MET A 68 20.05 -35.79 4.79
CA MET A 68 19.72 -35.30 6.15
C MET A 68 18.43 -35.87 6.75
N THR A 69 17.48 -36.23 5.93
CA THR A 69 16.21 -36.66 6.43
C THR A 69 16.27 -38.19 6.58
N HIS A 70 16.45 -38.90 5.46
CA HIS A 70 16.34 -40.37 5.43
C HIS A 70 17.38 -41.18 6.16
N VAL A 71 18.49 -40.57 6.51
CA VAL A 71 19.46 -41.28 7.27
C VAL A 71 18.83 -41.52 8.65
N PRO A 72 18.48 -40.45 9.39
CA PRO A 72 17.97 -40.72 10.76
C PRO A 72 16.56 -41.32 10.75
N MET A 73 15.73 -40.93 9.79
CA MET A 73 14.40 -41.45 9.79
C MET A 73 14.38 -42.95 9.52
N THR A 74 15.41 -43.52 8.86
CA THR A 74 15.39 -44.97 8.53
C THR A 74 16.01 -45.77 9.65
N VAL A 75 16.61 -45.09 10.62
CA VAL A 75 17.14 -45.72 11.78
C VAL A 75 16.04 -45.70 12.85
N SER A 76 15.71 -44.51 13.40
CA SER A 76 14.59 -44.33 14.36
C SER A 76 13.48 -45.28 14.05
N LYS A 77 13.00 -46.03 15.07
CA LYS A 77 12.13 -47.17 14.72
C LYS A 77 10.72 -46.78 14.26
N GLU A 78 10.02 -45.98 15.05
CA GLU A 78 8.80 -45.39 14.45
C GLU A 78 8.61 -44.01 15.03
N PRO A 79 9.19 -43.04 14.31
CA PRO A 79 9.19 -41.65 14.79
C PRO A 79 7.80 -41.05 14.54
N LYS A 80 7.34 -40.37 15.59
CA LYS A 80 5.99 -39.81 15.71
C LYS A 80 6.06 -38.32 15.64
N ASN A 81 6.96 -37.77 16.42
CA ASN A 81 7.11 -36.36 16.53
C ASN A 81 8.55 -35.95 16.17
N VAL A 82 8.68 -35.16 15.12
CA VAL A 82 9.96 -34.68 14.59
C VAL A 82 10.12 -33.14 14.58
N LEU A 83 11.26 -32.64 15.00
CA LEU A 83 11.60 -31.21 14.88
C LEU A 83 12.61 -30.98 13.77
N VAL A 84 12.32 -29.98 12.93
CA VAL A 84 13.32 -29.33 12.11
C VAL A 84 13.75 -27.98 12.66
N VAL A 85 15.05 -27.77 12.92
CA VAL A 85 15.62 -26.41 13.20
C VAL A 85 16.15 -25.81 11.88
N GLY A 86 15.88 -24.51 11.65
CA GLY A 86 16.20 -23.90 10.39
C GLY A 86 15.30 -24.48 9.31
N GLY A 87 15.85 -24.75 8.14
CA GLY A 87 15.12 -25.42 7.07
C GLY A 87 13.88 -24.69 6.54
N GLY A 88 13.86 -23.37 6.66
CA GLY A 88 12.74 -22.54 6.25
C GLY A 88 12.28 -22.73 4.83
N ASP A 89 13.18 -23.18 3.97
CA ASP A 89 12.84 -23.46 2.60
C ASP A 89 11.86 -24.59 2.53
N GLY A 90 11.88 -25.44 3.54
CA GLY A 90 10.96 -26.62 3.63
C GLY A 90 11.38 -27.98 3.04
N GLY A 91 12.60 -28.09 2.47
CA GLY A 91 13.05 -29.32 1.80
C GLY A 91 13.07 -30.48 2.77
N ILE A 92 13.51 -30.28 4.02
CA ILE A 92 13.44 -31.36 4.98
C ILE A 92 12.01 -31.81 5.24
N ILE A 93 11.12 -30.82 5.40
CA ILE A 93 9.70 -31.10 5.55
C ILE A 93 9.16 -31.91 4.37
N ARG A 94 9.52 -31.54 3.15
CA ARG A 94 9.02 -32.25 1.96
C ARG A 94 9.29 -33.75 2.20
N GLU A 95 10.51 -34.05 2.66
CA GLU A 95 11.00 -35.43 2.81
C GLU A 95 10.37 -36.13 3.98
N LEU A 96 10.28 -35.46 5.13
CA LEU A 96 9.51 -36.01 6.25
C LEU A 96 8.03 -36.37 5.94
N CYS A 97 7.36 -35.52 5.16
CA CYS A 97 5.93 -35.77 4.86
C CYS A 97 5.72 -37.08 4.12
N LYS A 98 6.80 -37.74 3.70
CA LYS A 98 6.70 -39.00 2.93
C LYS A 98 6.43 -40.22 3.84
N TYR A 99 6.75 -40.04 5.11
CA TYR A 99 6.53 -40.95 6.20
C TYR A 99 5.12 -40.80 6.83
N LYS A 100 4.21 -41.67 6.41
CA LYS A 100 2.85 -41.74 6.96
C LYS A 100 2.75 -41.98 8.48
N SER A 101 3.63 -42.76 9.09
CA SER A 101 3.62 -42.87 10.55
C SER A 101 3.92 -41.57 11.33
N VAL A 102 4.40 -40.55 10.63
CA VAL A 102 4.76 -39.34 11.39
C VAL A 102 3.46 -38.65 11.74
N GLU A 103 3.30 -38.23 13.00
CA GLU A 103 2.04 -37.59 13.46
C GLU A 103 2.13 -36.05 13.49
N ASN A 104 3.28 -35.57 13.96
CA ASN A 104 3.56 -34.18 14.07
C ASN A 104 4.98 -33.79 13.57
N ILE A 105 5.05 -32.70 12.82
CA ILE A 105 6.29 -32.05 12.45
C ILE A 105 6.28 -30.60 12.84
N ASP A 106 7.13 -30.25 13.80
CA ASP A 106 7.35 -28.90 14.17
C ASP A 106 8.52 -28.40 13.37
N ILE A 107 8.52 -27.12 12.97
CA ILE A 107 9.72 -26.48 12.40
C ILE A 107 9.96 -25.15 13.06
N CYS A 108 11.14 -24.93 13.63
CA CYS A 108 11.44 -23.69 14.30
C CYS A 108 12.49 -22.95 13.44
N GLU A 109 12.06 -21.90 12.74
CA GLU A 109 12.87 -21.06 11.85
C GLU A 109 12.83 -19.62 12.34
N ILE A 110 13.99 -18.99 12.41
CA ILE A 110 14.09 -17.68 12.99
C ILE A 110 13.52 -16.61 12.03
N ASP A 111 13.59 -16.87 10.74
CA ASP A 111 13.32 -15.83 9.72
C ASP A 111 12.14 -16.13 8.82
N GLU A 112 10.96 -15.59 9.17
CA GLU A 112 9.76 -15.88 8.37
C GLU A 112 9.89 -15.53 6.90
N THR A 113 10.72 -14.55 6.59
CA THR A 113 10.91 -14.13 5.21
C THR A 113 11.38 -15.33 4.34
N VAL A 114 12.21 -16.19 4.93
CA VAL A 114 12.74 -17.34 4.21
C VAL A 114 11.58 -18.27 3.83
N ILE A 115 10.75 -18.58 4.81
CA ILE A 115 9.56 -19.40 4.57
C ILE A 115 8.67 -18.80 3.48
N GLU A 116 8.38 -17.52 3.58
CA GLU A 116 7.42 -17.00 2.63
C GLU A 116 8.05 -16.87 1.20
N VAL A 117 9.31 -16.49 1.13
CA VAL A 117 10.05 -16.44 -0.12
C VAL A 117 10.03 -17.85 -0.73
N SER A 118 10.25 -18.84 0.13
CA SER A 118 10.27 -20.21 -0.37
C SER A 118 8.93 -20.69 -0.97
N LYS A 119 7.82 -20.42 -0.26
CA LYS A 119 6.46 -20.63 -0.77
C LYS A 119 6.13 -19.87 -2.04
N ILE A 120 6.80 -18.77 -2.24
CA ILE A 120 6.54 -18.03 -3.44
C ILE A 120 7.40 -18.50 -4.58
N TYR A 121 8.70 -18.63 -4.34
CA TYR A 121 9.56 -18.83 -5.45
C TYR A 121 10.04 -20.25 -5.55
N PHE A 122 9.90 -21.07 -4.50
CA PHE A 122 10.29 -22.49 -4.62
C PHE A 122 9.16 -23.47 -4.33
N LYS A 123 8.14 -23.49 -5.16
CA LYS A 123 6.95 -24.30 -4.80
C LYS A 123 7.19 -25.82 -4.63
N ASN A 124 8.08 -26.44 -5.44
CA ASN A 124 8.39 -27.85 -5.25
C ASN A 124 9.20 -28.16 -4.05
N ILE A 125 9.81 -27.17 -3.42
CA ILE A 125 10.54 -27.42 -2.19
C ILE A 125 9.69 -27.11 -0.95
N SER A 126 8.69 -26.22 -1.12
CA SER A 126 7.93 -25.65 0.04
C SER A 126 6.54 -26.30 0.26
N CYS A 127 6.14 -27.12 -0.71
CA CYS A 127 4.86 -27.85 -0.81
C CYS A 127 4.37 -28.58 0.45
N GLY A 128 5.32 -29.04 1.27
CA GLY A 128 5.03 -29.70 2.54
C GLY A 128 4.49 -28.80 3.66
N TYR A 129 4.51 -27.49 3.46
CA TYR A 129 3.86 -26.63 4.45
C TYR A 129 2.31 -26.88 4.42
N GLU A 130 1.76 -27.32 3.29
CA GLU A 130 0.32 -27.73 3.16
C GLU A 130 -0.14 -28.80 4.14
N ASP A 131 0.77 -29.64 4.61
CA ASP A 131 0.40 -30.89 5.25
C ASP A 131 -0.06 -30.50 6.66
N LYS A 132 -1.19 -31.09 7.08
CA LYS A 132 -1.82 -30.76 8.37
C LYS A 132 -0.96 -31.01 9.57
N ARG A 133 0.10 -31.79 9.39
CA ARG A 133 0.91 -32.21 10.53
C ARG A 133 1.96 -31.22 10.87
N VAL A 134 2.12 -30.24 9.97
CA VAL A 134 3.26 -29.33 10.06
C VAL A 134 2.86 -28.09 10.88
N ASN A 135 3.63 -27.77 11.90
CA ASN A 135 3.39 -26.59 12.71
C ASN A 135 4.64 -25.70 12.73
N VAL A 136 4.45 -24.41 12.43
CA VAL A 136 5.57 -23.46 12.29
C VAL A 136 5.79 -22.54 13.50
N PHE A 137 7.01 -22.35 13.92
CA PHE A 137 7.33 -21.42 15.03
C PHE A 137 8.43 -20.49 14.55
N ILE A 138 8.25 -19.17 14.73
CA ILE A 138 9.22 -18.16 14.26
C ILE A 138 9.99 -17.79 15.46
N GLU A 139 11.23 -18.26 15.59
CA GLU A 139 11.98 -18.10 16.85
C GLU A 139 13.41 -18.59 16.70
N ASP A 140 14.32 -18.01 17.44
CA ASP A 140 15.63 -18.55 17.58
C ASP A 140 15.46 -19.96 18.20
N ALA A 141 15.72 -21.02 17.40
CA ALA A 141 15.72 -22.40 17.90
C ALA A 141 16.43 -22.54 19.26
N SER A 142 17.40 -21.70 19.51
CA SER A 142 18.12 -21.72 20.74
C SER A 142 17.23 -21.42 21.95
N LYS A 143 16.30 -20.47 21.80
CA LYS A 143 15.26 -20.25 22.81
C LYS A 143 14.11 -21.29 22.73
N PHE A 144 13.64 -21.56 21.52
CA PHE A 144 12.62 -22.53 21.34
C PHE A 144 12.98 -23.85 22.00
N LEU A 145 14.23 -24.32 21.97
CA LEU A 145 14.51 -25.60 22.62
C LEU A 145 14.62 -25.45 24.14
N GLU A 146 14.81 -24.24 24.60
CA GLU A 146 14.88 -24.00 26.06
C GLU A 146 13.54 -24.20 26.75
N ASN A 147 12.46 -23.98 25.99
CA ASN A 147 11.11 -23.78 26.46
C ASN A 147 10.11 -24.84 26.01
N VAL A 148 10.43 -25.62 25.00
CA VAL A 148 9.50 -26.58 24.48
C VAL A 148 9.25 -27.71 25.52
N THR A 149 7.98 -28.12 25.64
CA THR A 149 7.52 -29.08 26.68
C THR A 149 7.57 -30.50 26.16
N ASN A 150 7.35 -30.67 24.88
CA ASN A 150 7.41 -31.96 24.25
C ASN A 150 8.88 -32.42 24.06
N THR A 151 9.06 -33.72 23.85
CA THR A 151 10.35 -34.25 23.45
C THR A 151 10.15 -34.89 22.11
N TYR A 152 11.20 -35.05 21.33
CA TYR A 152 11.07 -35.52 19.92
C TYR A 152 11.84 -36.81 19.68
N ASP A 153 11.36 -37.61 18.73
CA ASP A 153 12.04 -38.82 18.30
C ASP A 153 13.31 -38.43 17.51
N VAL A 154 13.17 -37.42 16.65
CA VAL A 154 14.24 -36.99 15.78
C VAL A 154 14.30 -35.50 15.66
N ILE A 155 15.52 -34.98 15.72
CA ILE A 155 15.74 -33.57 15.48
C ILE A 155 16.78 -33.33 14.39
N ILE A 156 16.43 -32.47 13.43
CA ILE A 156 17.20 -32.29 12.21
C ILE A 156 17.55 -30.82 12.10
N VAL A 157 18.82 -30.48 12.24
CA VAL A 157 19.28 -29.11 12.38
C VAL A 157 19.84 -28.61 11.07
N ASP A 158 18.95 -28.10 10.23
CA ASP A 158 19.30 -27.59 8.89
C ASP A 158 19.58 -26.11 8.97
N SER A 159 20.66 -25.73 9.63
CA SER A 159 21.08 -24.36 9.78
C SER A 159 21.83 -23.83 8.60
N SER A 160 21.91 -22.51 8.60
CA SER A 160 22.91 -21.80 7.83
C SER A 160 24.26 -21.87 8.59
N ASP A 161 25.29 -21.18 8.10
CA ASP A 161 26.66 -21.30 8.64
C ASP A 161 26.83 -20.44 9.93
N PRO A 162 27.93 -20.64 10.68
CA PRO A 162 28.05 -19.96 12.02
C PRO A 162 28.15 -18.46 12.06
N ILE A 163 28.22 -17.83 10.89
CA ILE A 163 28.20 -16.38 10.80
C ILE A 163 26.84 -15.99 10.30
N GLY A 164 26.14 -15.23 11.13
CA GLY A 164 24.71 -14.99 10.96
C GLY A 164 23.92 -15.44 12.21
N PRO A 165 22.59 -15.51 12.08
CA PRO A 165 21.76 -16.04 13.18
C PRO A 165 22.10 -17.50 13.62
N ALA A 166 22.66 -18.32 12.73
CA ALA A 166 23.02 -19.69 13.13
C ALA A 166 24.17 -19.73 14.16
N GLU A 167 24.82 -18.62 14.38
CA GLU A 167 25.80 -18.44 15.49
C GLU A 167 25.49 -19.20 16.81
N THR A 168 24.25 -19.11 17.26
CA THR A 168 23.83 -19.69 18.54
C THR A 168 23.65 -21.20 18.46
N LEU A 169 23.64 -21.76 17.26
CA LEU A 169 23.49 -23.19 17.11
C LEU A 169 24.81 -24.02 17.12
N PHE A 170 25.96 -23.41 17.33
CA PHE A 170 27.23 -24.13 17.12
C PHE A 170 28.07 -24.07 18.38
N ASN A 171 27.49 -24.40 19.52
CA ASN A 171 28.18 -24.32 20.82
C ASN A 171 27.70 -25.46 21.72
N GLN A 172 28.35 -25.61 22.87
CA GLN A 172 28.04 -26.72 23.76
C GLN A 172 26.65 -26.64 24.36
N ASN A 173 26.30 -25.47 24.85
CA ASN A 173 24.99 -25.27 25.42
C ASN A 173 23.84 -25.66 24.44
N PHE A 174 24.00 -25.35 23.18
CA PHE A 174 23.01 -25.79 22.22
C PHE A 174 22.84 -27.29 22.11
N TYR A 175 23.93 -27.99 22.33
CA TYR A 175 23.93 -29.43 22.22
C TYR A 175 23.23 -30.09 23.45
N GLU A 176 23.36 -29.51 24.63
CA GLU A 176 22.54 -29.89 25.80
C GLU A 176 21.04 -29.76 25.55
N LYS A 177 20.67 -28.62 24.97
CA LYS A 177 19.25 -28.34 24.70
C LYS A 177 18.69 -29.40 23.79
N ILE A 178 19.46 -29.81 22.79
CA ILE A 178 18.99 -30.89 21.95
C ILE A 178 18.88 -32.21 22.71
N TYR A 179 19.87 -32.54 23.52
CA TYR A 179 19.86 -33.83 24.22
C TYR A 179 18.51 -33.92 24.98
N ASN A 180 18.22 -32.87 25.74
CA ASN A 180 17.02 -32.82 26.57
C ASN A 180 15.72 -32.79 25.86
N ALA A 181 15.71 -32.36 24.61
CA ALA A 181 14.49 -32.26 23.90
C ALA A 181 14.27 -33.50 23.13
N LEU A 182 15.14 -34.49 23.30
CA LEU A 182 14.98 -35.74 22.56
C LEU A 182 14.44 -36.84 23.48
N LYS A 183 13.66 -37.74 22.93
CA LYS A 183 13.33 -38.96 23.66
C LYS A 183 14.59 -39.74 24.10
N PRO A 184 14.46 -40.63 25.09
CA PRO A 184 15.65 -41.34 25.64
C PRO A 184 16.47 -42.13 24.61
N ASN A 185 15.80 -42.61 23.58
CA ASN A 185 16.39 -43.26 22.42
C ASN A 185 16.23 -42.39 21.15
N GLY A 186 16.37 -41.07 21.32
CA GLY A 186 16.29 -40.13 20.19
C GLY A 186 17.63 -39.90 19.46
N TYR A 187 17.50 -39.35 18.25
CA TYR A 187 18.59 -38.98 17.35
C TYR A 187 18.54 -37.54 16.83
N CYS A 188 19.69 -36.85 16.81
CA CYS A 188 19.92 -35.56 16.10
C CYS A 188 20.88 -35.67 14.92
N VAL A 189 20.53 -35.10 13.77
CA VAL A 189 21.50 -34.86 12.67
C VAL A 189 21.61 -33.37 12.42
N ALA A 190 22.82 -32.88 12.14
CA ALA A 190 23.07 -31.43 12.05
C ALA A 190 24.07 -31.14 10.98
N GLN A 191 23.85 -30.08 10.23
CA GLN A 191 24.77 -29.67 9.17
C GLN A 191 26.07 -29.39 9.87
N CYS A 192 27.16 -30.01 9.39
CA CYS A 192 28.44 -29.85 10.04
C CYS A 192 29.59 -29.60 9.08
N GLU A 193 29.33 -29.01 7.93
CA GLU A 193 30.41 -28.36 7.16
C GLU A 193 31.32 -29.33 6.34
N SER A 194 32.35 -28.77 5.67
CA SER A 194 33.22 -29.52 4.74
C SER A 194 34.51 -30.02 5.36
N LEU A 195 34.74 -31.31 5.17
CA LEU A 195 35.98 -31.94 5.65
C LEU A 195 37.24 -31.42 4.93
N TRP A 196 37.06 -30.86 3.73
CA TRP A 196 38.17 -30.24 3.03
C TRP A 196 38.63 -28.93 3.58
N ILE A 197 37.94 -28.28 4.52
CA ILE A 197 38.44 -27.00 5.06
C ILE A 197 38.03 -26.62 6.45
N HIS A 198 37.09 -27.32 7.06
CA HIS A 198 36.59 -26.90 8.35
C HIS A 198 36.95 -27.83 9.52
N VAL A 199 38.12 -28.44 9.49
CA VAL A 199 38.37 -29.54 10.38
C VAL A 199 38.36 -29.09 11.84
N GLY A 200 38.84 -27.90 12.15
CA GLY A 200 38.77 -27.39 13.52
C GLY A 200 37.35 -27.32 14.07
N THR A 201 36.44 -26.82 13.25
CA THR A 201 35.04 -26.77 13.57
C THR A 201 34.51 -28.19 13.75
N ILE A 202 34.71 -29.03 12.75
CA ILE A 202 34.25 -30.37 12.84
C ILE A 202 34.66 -31.02 14.19
N LYS A 203 35.82 -30.64 14.69
CA LYS A 203 36.37 -31.27 15.87
C LYS A 203 35.71 -30.73 17.09
N ASN A 204 35.60 -29.40 17.15
CA ASN A 204 34.77 -28.75 18.15
C ASN A 204 33.34 -29.33 18.23
N MET A 205 32.62 -29.35 17.11
CA MET A 205 31.25 -29.88 17.04
C MET A 205 31.24 -31.30 17.65
N ILE A 206 32.12 -32.16 17.15
CA ILE A 206 32.16 -33.53 17.65
C ILE A 206 32.39 -33.57 19.12
N GLY A 207 33.32 -32.74 19.58
CA GLY A 207 33.60 -32.62 21.01
C GLY A 207 32.32 -32.38 21.81
N TYR A 208 31.65 -31.25 21.50
CA TYR A 208 30.37 -30.84 22.11
C TYR A 208 29.39 -32.01 22.23
N ALA A 209 29.16 -32.67 21.10
CA ALA A 209 28.23 -33.77 21.03
C ALA A 209 28.64 -34.92 21.96
N LYS A 210 29.93 -35.22 22.00
CA LYS A 210 30.43 -36.29 22.82
C LYS A 210 30.27 -36.03 24.30
N LYS A 211 30.24 -34.79 24.73
CA LYS A 211 30.11 -34.49 26.15
C LYS A 211 28.70 -34.95 26.71
N LEU A 212 27.84 -35.50 25.84
CA LEU A 212 26.44 -35.79 26.15
C LEU A 212 25.93 -37.06 25.52
N PHE A 213 26.22 -37.25 24.24
CA PHE A 213 25.76 -38.41 23.50
C PHE A 213 26.76 -39.58 23.62
N LYS A 214 26.26 -40.79 23.67
CA LYS A 214 27.19 -41.85 23.78
C LYS A 214 27.74 -42.21 22.39
N LYS A 215 27.17 -41.69 21.31
CA LYS A 215 27.67 -42.02 19.99
C LYS A 215 27.52 -40.95 18.91
N VAL A 216 28.66 -40.48 18.47
CA VAL A 216 28.77 -39.39 17.53
C VAL A 216 29.47 -39.81 16.23
N GLU A 217 28.78 -39.80 15.13
CA GLU A 217 29.34 -40.22 13.86
C GLU A 217 29.27 -39.01 12.90
N TYR A 218 29.98 -39.07 11.77
CA TYR A 218 30.05 -37.98 10.81
C TYR A 218 29.99 -38.58 9.44
N ALA A 219 29.09 -38.09 8.61
CA ALA A 219 28.99 -38.59 7.26
C ALA A 219 29.13 -37.46 6.29
N ASN A 220 29.32 -37.81 5.02
CA ASN A 220 29.61 -36.82 4.03
C ASN A 220 28.69 -36.94 2.83
N ILE A 221 28.34 -35.79 2.26
CA ILE A 221 27.35 -35.70 1.20
C ILE A 221 28.01 -34.90 0.08
N SER A 222 27.96 -35.45 -1.11
CA SER A 222 28.44 -34.80 -2.29
C SER A 222 27.31 -33.88 -2.73
N ILE A 223 27.62 -32.59 -2.78
CA ILE A 223 26.75 -31.59 -3.34
C ILE A 223 27.59 -30.41 -3.89
N PRO A 224 27.45 -30.16 -5.16
CA PRO A 224 28.30 -29.22 -5.88
C PRO A 224 28.24 -27.76 -5.48
N THR A 225 27.12 -27.30 -4.90
CA THR A 225 26.95 -25.89 -4.67
C THR A 225 27.20 -25.49 -3.28
N TYR A 226 27.78 -26.38 -2.49
CA TYR A 226 28.34 -25.96 -1.20
C TYR A 226 29.84 -25.92 -1.30
N PRO A 227 30.46 -25.10 -0.52
CA PRO A 227 31.91 -24.98 -0.74
C PRO A 227 32.69 -26.31 -0.68
N CYS A 228 33.51 -26.57 -1.71
CA CYS A 228 34.37 -27.76 -1.81
C CYS A 228 33.59 -28.95 -2.24
N GLY A 229 32.31 -28.76 -2.52
CA GLY A 229 31.52 -29.80 -3.17
C GLY A 229 30.99 -30.90 -2.27
N CYS A 230 31.12 -30.71 -0.98
CA CYS A 230 30.63 -31.68 -0.06
C CYS A 230 30.19 -30.97 1.25
N ILE A 231 29.37 -31.64 2.04
CA ILE A 231 29.04 -31.14 3.38
C ILE A 231 28.78 -32.33 4.29
N GLY A 232 29.02 -32.11 5.55
CA GLY A 232 28.92 -33.16 6.53
C GLY A 232 27.73 -33.09 7.45
N ILE A 233 27.34 -34.27 7.91
CA ILE A 233 26.30 -34.43 8.86
C ILE A 233 26.89 -34.91 10.13
N LEU A 234 26.76 -34.12 11.18
CA LEU A 234 27.07 -34.59 12.48
C LEU A 234 25.91 -35.41 13.02
N CYS A 235 26.16 -36.70 13.28
CA CYS A 235 25.12 -37.65 13.67
C CYS A 235 25.22 -38.05 15.19
N CYS A 236 24.21 -37.66 16.00
CA CYS A 236 24.21 -37.94 17.43
C CYS A 236 23.15 -38.97 17.86
N SER A 237 23.56 -39.89 18.75
CA SER A 237 22.76 -41.02 19.20
C SER A 237 22.89 -41.18 20.68
N LYS A 238 21.77 -41.55 21.30
CA LYS A 238 21.74 -41.74 22.75
C LYS A 238 21.88 -43.23 23.05
N THR A 239 21.52 -44.05 22.08
CA THR A 239 21.74 -45.47 22.16
C THR A 239 23.10 -45.69 21.59
N ASP A 240 23.69 -46.83 21.89
CA ASP A 240 25.09 -47.06 21.55
C ASP A 240 25.31 -47.59 20.16
N THR A 241 24.26 -47.94 19.45
CA THR A 241 24.44 -48.48 18.12
C THR A 241 24.46 -47.47 16.96
N GLY A 242 24.28 -46.18 17.24
CA GLY A 242 24.49 -45.09 16.22
C GLY A 242 23.63 -45.12 14.93
N LEU A 243 24.01 -44.32 13.92
CA LEU A 243 23.17 -44.05 12.73
C LEU A 243 23.63 -44.56 11.36
N THR A 244 24.69 -45.36 11.35
CA THR A 244 25.34 -45.75 10.10
C THR A 244 24.59 -46.82 9.36
N LYS A 245 23.64 -47.51 10.01
CA LYS A 245 22.84 -48.50 9.28
C LYS A 245 21.32 -48.39 9.34
N PRO A 246 20.65 -48.30 8.20
CA PRO A 246 19.20 -48.24 8.23
C PRO A 246 18.55 -49.49 8.87
N ASN A 247 17.37 -49.29 9.46
CA ASN A 247 16.50 -50.33 9.94
C ASN A 247 15.34 -50.53 9.06
N LYS A 248 15.22 -49.84 7.94
CA LYS A 248 14.12 -50.07 7.05
C LYS A 248 14.54 -49.63 5.68
N LYS A 249 13.72 -49.95 4.70
CA LYS A 249 13.94 -49.63 3.32
C LYS A 249 12.79 -48.86 2.73
N LEU A 250 13.09 -47.86 1.95
CA LEU A 250 12.06 -46.98 1.51
C LEU A 250 11.35 -47.51 0.28
N GLU A 251 10.44 -48.47 0.48
CA GLU A 251 9.70 -49.00 -0.69
C GLU A 251 8.27 -48.50 -0.90
N SER A 252 7.63 -47.82 0.08
CA SER A 252 6.35 -47.11 -0.10
C SER A 252 6.44 -46.30 -1.37
N LYS A 253 5.33 -46.16 -2.08
CA LYS A 253 5.35 -45.46 -3.36
C LYS A 253 5.77 -43.98 -3.26
N GLU A 254 5.76 -43.44 -2.05
CA GLU A 254 6.09 -42.05 -1.76
C GLU A 254 7.58 -41.78 -1.89
N PHE A 255 8.37 -42.86 -1.82
CA PHE A 255 9.82 -42.80 -1.99
C PHE A 255 10.30 -43.20 -3.37
N ALA A 256 9.42 -43.65 -4.24
CA ALA A 256 9.85 -44.02 -5.59
C ALA A 256 10.76 -42.95 -6.23
N ASP A 257 10.36 -41.69 -6.09
CA ASP A 257 11.03 -40.53 -6.67
C ASP A 257 12.45 -40.15 -6.12
N LEU A 258 12.93 -40.77 -5.05
CA LEU A 258 14.19 -40.34 -4.42
C LEU A 258 15.31 -40.29 -5.45
N LYS A 259 16.29 -39.39 -5.25
CA LYS A 259 17.30 -39.17 -6.30
C LYS A 259 18.76 -39.34 -5.87
N TYR A 260 19.03 -39.38 -4.59
CA TYR A 260 20.35 -39.58 -4.12
C TYR A 260 20.30 -40.79 -3.18
N TYR A 261 19.69 -40.64 -2.00
CA TYR A 261 19.64 -41.66 -0.90
C TYR A 261 19.23 -43.04 -1.35
N ASN A 262 19.95 -44.04 -0.86
CA ASN A 262 19.44 -45.41 -0.89
C ASN A 262 20.04 -46.15 0.28
N TYR A 263 19.62 -47.40 0.43
CA TYR A 263 19.99 -48.20 1.59
C TYR A 263 21.53 -48.31 1.69
N GLU A 264 22.17 -48.60 0.56
CA GLU A 264 23.64 -48.81 0.56
C GLU A 264 24.40 -47.51 0.79
N ASN A 265 23.97 -46.43 0.13
CA ASN A 265 24.79 -45.26 0.20
C ASN A 265 24.58 -44.52 1.53
N HIS A 266 23.55 -44.92 2.29
CA HIS A 266 23.45 -44.53 3.72
C HIS A 266 24.72 -44.88 4.53
N SER A 267 25.15 -46.13 4.43
CA SER A 267 26.33 -46.62 5.16
C SER A 267 27.62 -46.07 4.55
N ALA A 268 27.68 -46.00 3.21
CA ALA A 268 28.83 -45.44 2.49
C ALA A 268 29.28 -44.05 2.90
N ALA A 269 28.30 -43.20 3.19
CA ALA A 269 28.52 -41.81 3.58
C ALA A 269 29.29 -41.68 4.88
N PHE A 270 29.30 -42.73 5.68
CA PHE A 270 30.12 -42.74 6.88
C PHE A 270 31.58 -43.24 6.66
N LYS A 271 32.00 -43.60 5.45
CA LYS A 271 33.38 -44.08 5.23
C LYS A 271 34.18 -42.89 4.75
N LEU A 272 34.94 -42.31 5.66
CA LEU A 272 35.58 -41.05 5.46
C LEU A 272 37.06 -41.18 5.04
N PRO A 273 37.62 -40.11 4.47
CA PRO A 273 39.05 -40.11 4.09
C PRO A 273 39.98 -40.31 5.27
N ALA A 274 41.10 -40.97 5.01
CA ALA A 274 42.04 -41.35 6.06
C ALA A 274 42.42 -40.19 6.88
N PHE A 275 42.69 -39.06 6.25
CA PHE A 275 43.23 -37.95 7.02
C PHE A 275 42.20 -37.45 8.02
N LEU A 276 40.91 -37.54 7.66
CA LEU A 276 39.84 -37.09 8.59
C LEU A 276 39.71 -37.99 9.84
N LEU A 277 39.67 -39.30 9.61
CA LEU A 277 39.68 -40.30 10.74
C LEU A 277 40.82 -40.05 11.65
N LYS A 278 41.96 -39.88 11.02
CA LYS A 278 43.16 -39.64 11.76
C LYS A 278 42.88 -38.41 12.63
N GLU A 279 42.31 -37.37 12.04
CA GLU A 279 42.10 -36.14 12.78
C GLU A 279 41.14 -36.21 14.01
N ILE A 280 40.19 -37.13 13.99
CA ILE A 280 39.12 -37.10 14.98
C ILE A 280 39.18 -38.34 15.83
N GLU A 281 40.35 -38.62 16.38
CA GLU A 281 40.52 -39.89 17.02
C GLU A 281 40.44 -39.66 18.50
N ASN A 282 41.23 -38.71 18.99
CA ASN A 282 41.40 -38.53 20.43
C ASN A 282 40.42 -37.56 21.05
N ILE A 283 39.45 -37.10 20.26
CA ILE A 283 38.43 -36.19 20.75
C ILE A 283 37.66 -36.92 21.85
N LYS B 3 5.09 -3.46 -23.29
CA LYS B 3 4.88 -2.46 -22.18
C LYS B 3 3.40 -2.36 -21.76
N LYS B 4 2.97 -2.94 -20.65
CA LYS B 4 1.52 -3.11 -20.44
C LYS B 4 0.88 -2.22 -19.32
N TRP B 5 -0.46 -2.13 -19.30
CA TRP B 5 -1.19 -1.32 -18.31
C TRP B 5 -2.18 -2.17 -17.56
N PHE B 6 -2.37 -1.81 -16.31
CA PHE B 6 -3.41 -2.41 -15.49
C PHE B 6 -4.59 -1.45 -15.46
N SER B 7 -5.82 -1.95 -15.59
CA SER B 7 -6.99 -1.09 -15.63
C SER B 7 -7.97 -1.63 -14.61
N GLU B 8 -8.70 -0.77 -13.93
CA GLU B 8 -9.51 -1.13 -12.83
C GLU B 8 -10.89 -0.82 -13.31
N PHE B 9 -11.70 -1.84 -13.63
CA PHE B 9 -13.11 -1.68 -14.08
C PHE B 9 -13.92 -2.40 -13.05
N SER B 10 -15.15 -2.02 -12.82
CA SER B 10 -15.99 -2.70 -11.86
C SER B 10 -17.42 -2.30 -12.05
N ILE B 11 -18.27 -3.27 -11.82
CA ILE B 11 -19.69 -3.02 -11.84
C ILE B 11 -20.09 -2.07 -10.72
N MET B 12 -19.23 -1.91 -9.69
CA MET B 12 -19.52 -0.96 -8.56
C MET B 12 -19.36 0.53 -8.94
N TRP B 13 -18.72 0.78 -10.08
CA TRP B 13 -18.55 2.12 -10.65
C TRP B 13 -18.54 2.01 -12.16
N PRO B 14 -19.71 1.70 -12.73
CA PRO B 14 -19.73 1.45 -14.19
C PRO B 14 -19.48 2.77 -14.87
N GLY B 15 -18.96 2.65 -16.05
CA GLY B 15 -18.80 3.83 -16.86
C GLY B 15 -17.45 4.48 -16.82
N GLN B 16 -16.57 4.01 -15.96
CA GLN B 16 -15.33 4.72 -15.74
C GLN B 16 -14.26 3.74 -15.36
N ALA B 17 -13.00 4.18 -15.43
CA ALA B 17 -11.88 3.32 -15.07
C ALA B 17 -10.63 4.10 -14.86
N PHE B 18 -9.78 3.58 -14.01
CA PHE B 18 -8.49 4.19 -13.73
C PHE B 18 -7.46 3.18 -14.11
N SER B 19 -6.37 3.62 -14.72
CA SER B 19 -5.35 2.70 -15.23
C SER B 19 -3.97 3.12 -14.82
N LEU B 20 -3.08 2.17 -14.57
CA LEU B 20 -1.66 2.44 -14.27
C LEU B 20 -0.73 1.64 -15.13
N LYS B 21 0.34 2.24 -15.58
CA LYS B 21 1.27 1.56 -16.43
C LYS B 21 2.10 0.63 -15.55
N ILE B 22 2.25 -0.60 -16.04
CA ILE B 22 2.94 -1.64 -15.31
C ILE B 22 4.41 -1.69 -15.61
N LYS B 23 5.26 -1.53 -14.60
CA LYS B 23 6.67 -1.72 -14.80
C LYS B 23 7.04 -3.21 -14.73
N LYS B 24 6.63 -3.93 -13.70
CA LYS B 24 6.75 -5.38 -13.73
C LYS B 24 5.79 -5.98 -12.78
N ILE B 25 5.27 -7.16 -13.14
CA ILE B 25 4.47 -7.95 -12.26
C ILE B 25 5.31 -8.71 -11.24
N LEU B 26 4.92 -8.66 -10.00
CA LEU B 26 5.74 -9.23 -9.00
C LEU B 26 5.16 -10.53 -8.51
N TYR B 27 3.87 -10.72 -8.64
CA TYR B 27 3.22 -11.81 -7.98
C TYR B 27 1.77 -11.77 -8.17
N GLU B 28 1.22 -12.94 -8.42
CA GLU B 28 -0.15 -13.12 -8.76
C GLU B 28 -0.55 -14.49 -8.17
N THR B 29 -1.78 -14.63 -7.68
CA THR B 29 -2.25 -15.90 -7.17
C THR B 29 -3.70 -15.80 -6.80
N LYS B 30 -4.26 -16.93 -6.50
CA LYS B 30 -5.54 -17.02 -5.86
C LYS B 30 -5.26 -17.99 -4.71
N SER B 31 -5.52 -17.71 -3.44
CA SER B 31 -6.48 -16.81 -2.98
C SER B 31 -6.52 -16.82 -1.45
N LYS B 32 -6.91 -17.91 -0.73
CA LYS B 32 -8.10 -18.84 -0.93
C LYS B 32 -9.52 -18.14 -0.90
N TYR B 33 -9.52 -16.83 -0.69
CA TYR B 33 -10.66 -15.98 -0.65
C TYR B 33 -10.76 -15.06 -1.85
N GLN B 34 -9.67 -14.73 -2.52
CA GLN B 34 -9.70 -13.69 -3.58
C GLN B 34 -8.49 -13.71 -4.52
N ASN B 35 -8.61 -13.18 -5.73
CA ASN B 35 -7.42 -13.01 -6.57
C ASN B 35 -6.52 -11.88 -6.09
N VAL B 36 -5.25 -12.17 -6.00
CA VAL B 36 -4.29 -11.31 -5.43
C VAL B 36 -3.20 -11.04 -6.44
N LEU B 37 -2.94 -9.75 -6.67
CA LEU B 37 -2.02 -9.31 -7.67
C LEU B 37 -1.18 -8.21 -7.05
N VAL B 38 0.14 -8.29 -7.17
CA VAL B 38 1.06 -7.26 -6.77
C VAL B 38 1.90 -6.85 -7.95
N PHE B 39 2.01 -5.55 -8.21
CA PHE B 39 2.89 -5.17 -9.31
C PHE B 39 3.57 -3.89 -9.05
N GLU B 40 4.65 -3.65 -9.80
CA GLU B 40 5.34 -2.39 -9.65
C GLU B 40 4.89 -1.53 -10.81
N SER B 41 4.24 -0.40 -10.51
CA SER B 41 3.85 0.56 -11.53
C SER B 41 5.05 1.42 -11.86
N THR B 42 4.98 2.09 -12.97
CA THR B 42 6.04 3.07 -13.34
C THR B 42 6.04 4.37 -12.52
N THR B 43 4.92 4.86 -12.02
CA THR B 43 4.99 6.15 -11.35
C THR B 43 4.33 6.22 -10.00
N TYR B 44 3.65 5.16 -9.55
CA TYR B 44 3.01 5.09 -8.24
C TYR B 44 3.63 4.00 -7.33
N GLY B 45 4.77 3.49 -7.75
CA GLY B 45 5.51 2.48 -6.93
C GLY B 45 4.76 1.19 -7.01
N LYS B 46 4.84 0.42 -5.94
CA LYS B 46 4.14 -0.88 -5.91
C LYS B 46 2.66 -0.79 -5.54
N VAL B 47 1.91 -1.77 -6.03
CA VAL B 47 0.48 -1.73 -6.00
C VAL B 47 -0.09 -3.09 -5.63
N LEU B 48 -1.09 -3.08 -4.77
CA LEU B 48 -1.74 -4.29 -4.30
C LEU B 48 -3.14 -4.29 -4.80
N VAL B 49 -3.55 -5.35 -5.49
CA VAL B 49 -4.87 -5.45 -6.14
C VAL B 49 -5.57 -6.74 -5.61
N LEU B 50 -6.79 -6.61 -5.13
CA LEU B 50 -7.60 -7.75 -4.70
C LEU B 50 -8.83 -7.82 -5.56
N ASP B 51 -9.07 -8.98 -6.15
CA ASP B 51 -10.23 -9.17 -7.12
C ASP B 51 -10.37 -8.00 -8.10
N GLY B 52 -9.27 -7.60 -8.72
CA GLY B 52 -9.30 -6.56 -9.77
C GLY B 52 -9.39 -5.12 -9.22
N VAL B 53 -9.36 -4.95 -7.92
CA VAL B 53 -9.58 -3.65 -7.33
C VAL B 53 -8.36 -3.26 -6.54
N ILE B 54 -7.90 -2.07 -6.90
CA ILE B 54 -6.77 -1.45 -6.27
C ILE B 54 -7.04 -1.20 -4.82
N GLN B 55 -6.17 -1.69 -3.95
CA GLN B 55 -6.26 -1.53 -2.48
C GLN B 55 -5.31 -0.46 -1.94
N LEU B 56 -4.10 -0.43 -2.51
CA LEU B 56 -3.07 0.54 -2.14
C LEU B 56 -1.98 0.66 -3.12
N THR B 57 -1.35 1.81 -3.13
CA THR B 57 -0.08 2.06 -3.83
C THR B 57 0.86 2.75 -2.90
N GLU B 58 2.14 2.60 -3.15
CA GLU B 58 3.16 3.19 -2.26
C GLU B 58 3.11 4.71 -2.30
N LYS B 59 2.84 5.27 -3.47
CA LYS B 59 2.83 6.70 -3.55
C LYS B 59 1.76 7.40 -2.63
N ASP B 60 0.59 6.79 -2.43
CA ASP B 60 -0.48 7.57 -1.78
C ASP B 60 -1.11 6.93 -0.55
N GLU B 61 -0.66 5.72 -0.18
CA GLU B 61 -1.32 4.93 0.81
C GLU B 61 -1.41 5.68 2.16
N PHE B 62 -0.42 6.56 2.39
CA PHE B 62 -0.34 7.28 3.67
C PHE B 62 -1.55 8.16 3.92
N ALA B 63 -2.20 8.56 2.80
CA ALA B 63 -3.35 9.48 2.93
C ALA B 63 -4.52 8.76 3.62
N TYR B 64 -4.80 7.61 3.06
CA TYR B 64 -5.82 6.76 3.66
C TYR B 64 -5.44 6.27 5.06
N HIS B 65 -4.25 5.68 5.19
CA HIS B 65 -3.86 5.11 6.47
C HIS B 65 -3.79 6.13 7.59
N GLU B 66 -3.31 7.34 7.30
CA GLU B 66 -3.21 8.36 8.38
C GLU B 66 -4.56 8.86 8.81
N MET B 67 -5.41 9.19 7.84
CA MET B 67 -6.74 9.73 8.12
C MET B 67 -7.62 8.75 8.88
N MET B 68 -7.59 7.49 8.45
CA MET B 68 -8.35 6.42 9.05
C MET B 68 -7.96 6.17 10.49
N THR B 69 -6.68 6.36 10.76
CA THR B 69 -6.14 6.08 12.07
C THR B 69 -6.20 7.26 13.00
N HIS B 70 -5.67 8.39 12.53
CA HIS B 70 -5.40 9.50 13.42
C HIS B 70 -6.67 10.30 13.74
N VAL B 71 -7.64 10.17 12.90
CA VAL B 71 -8.98 10.74 13.23
C VAL B 71 -9.59 10.19 14.53
N PRO B 72 -9.88 8.89 14.59
CA PRO B 72 -10.29 8.34 15.87
C PRO B 72 -9.24 8.43 16.97
N MET B 73 -8.00 8.22 16.63
CA MET B 73 -7.00 8.09 17.69
C MET B 73 -6.66 9.45 18.30
N THR B 74 -7.06 10.58 17.71
CA THR B 74 -6.81 11.86 18.36
C THR B 74 -8.00 12.34 19.18
N VAL B 75 -9.07 11.58 19.19
CA VAL B 75 -10.32 11.93 19.85
C VAL B 75 -10.49 11.00 21.03
N SER B 76 -10.28 9.70 20.81
CA SER B 76 -10.29 8.73 21.93
C SER B 76 -9.15 9.09 22.88
N LYS B 77 -9.44 9.20 24.17
CA LYS B 77 -8.40 9.49 25.17
C LYS B 77 -7.95 8.18 25.79
N GLU B 78 -6.66 7.97 25.96
CA GLU B 78 -6.19 6.73 26.63
C GLU B 78 -6.72 5.44 25.97
N PRO B 79 -6.82 5.36 24.65
CA PRO B 79 -7.19 4.07 24.15
C PRO B 79 -6.20 2.92 24.49
N LYS B 80 -6.70 1.84 25.10
CA LYS B 80 -5.90 0.63 25.42
C LYS B 80 -6.02 -0.54 24.47
N ASN B 81 -7.23 -0.79 23.95
CA ASN B 81 -7.51 -1.88 23.06
C ASN B 81 -8.06 -1.31 21.79
N VAL B 82 -7.37 -1.60 20.71
CA VAL B 82 -7.82 -1.20 19.41
C VAL B 82 -7.90 -2.42 18.55
N LEU B 83 -8.95 -2.49 17.74
CA LEU B 83 -9.11 -3.50 16.71
C LEU B 83 -9.04 -2.89 15.33
N VAL B 84 -8.30 -3.55 14.48
CA VAL B 84 -8.35 -3.36 13.00
C VAL B 84 -9.07 -4.52 12.34
N VAL B 85 -10.03 -4.25 11.46
CA VAL B 85 -10.80 -5.25 10.75
C VAL B 85 -10.34 -5.11 9.30
N GLY B 86 -9.95 -6.20 8.66
CA GLY B 86 -9.21 -6.13 7.37
C GLY B 86 -7.78 -5.63 7.56
N GLY B 87 -7.34 -4.76 6.66
CA GLY B 87 -6.03 -4.13 6.81
C GLY B 87 -4.84 -5.08 6.89
N GLY B 88 -4.92 -6.20 6.16
CA GLY B 88 -3.85 -7.20 6.10
C GLY B 88 -2.49 -6.66 5.61
N ASP B 89 -2.50 -5.59 4.84
CA ASP B 89 -1.29 -4.87 4.43
C ASP B 89 -0.46 -4.33 5.56
N GLY B 90 -1.12 -3.93 6.66
CA GLY B 90 -0.48 -3.38 7.85
C GLY B 90 -0.41 -1.88 8.08
N GLY B 91 -0.93 -1.15 7.14
CA GLY B 91 -0.87 0.28 7.09
C GLY B 91 -1.49 0.91 8.31
N ILE B 92 -2.67 0.47 8.71
CA ILE B 92 -3.32 1.00 9.86
C ILE B 92 -2.48 0.68 11.11
N ILE B 93 -2.03 -0.56 11.17
CA ILE B 93 -1.15 -1.02 12.25
C ILE B 93 0.09 -0.18 12.44
N ARG B 94 0.77 0.07 11.35
CA ARG B 94 1.86 1.02 11.35
C ARG B 94 1.58 2.36 12.03
N GLU B 95 0.43 2.94 11.72
CA GLU B 95 0.08 4.25 12.24
C GLU B 95 -0.29 4.12 13.70
N LEU B 96 -0.95 3.02 14.04
CA LEU B 96 -1.34 2.79 15.43
C LEU B 96 -0.13 2.57 16.36
N CYS B 97 0.90 1.95 15.85
CA CYS B 97 2.07 1.67 16.65
C CYS B 97 2.75 2.91 17.17
N LYS B 98 2.47 4.07 16.61
CA LYS B 98 3.09 5.31 16.99
C LYS B 98 2.52 5.83 18.29
N TYR B 99 1.36 5.25 18.69
CA TYR B 99 0.72 5.58 19.94
C TYR B 99 1.23 4.58 20.97
N LYS B 100 2.10 5.08 21.87
CA LYS B 100 2.85 4.18 22.75
C LYS B 100 2.00 3.66 23.93
N SER B 101 1.00 4.43 24.36
CA SER B 101 0.12 3.96 25.43
C SER B 101 -1.02 2.97 25.03
N VAL B 102 -1.17 2.63 23.75
CA VAL B 102 -2.02 1.50 23.41
C VAL B 102 -1.33 0.22 23.83
N GLU B 103 -2.10 -0.75 24.32
CA GLU B 103 -1.53 -1.97 24.91
C GLU B 103 -1.65 -3.09 24.00
N ASN B 104 -2.86 -3.30 23.47
CA ASN B 104 -3.07 -4.38 22.49
C ASN B 104 -3.64 -3.82 21.21
N ILE B 105 -3.12 -4.32 20.11
CA ILE B 105 -3.58 -4.01 18.78
C ILE B 105 -3.96 -5.33 18.15
N ASP B 106 -5.24 -5.62 18.10
CA ASP B 106 -5.72 -6.83 17.53
C ASP B 106 -6.06 -6.51 16.06
N ILE B 107 -5.78 -7.45 15.21
CA ILE B 107 -6.20 -7.32 13.81
C ILE B 107 -6.86 -8.61 13.43
N CYS B 108 -8.00 -8.49 12.74
CA CYS B 108 -8.76 -9.60 12.22
C CYS B 108 -8.90 -9.45 10.71
N GLU B 109 -8.17 -10.30 9.98
CA GLU B 109 -8.01 -10.32 8.54
C GLU B 109 -8.35 -11.72 8.05
N ILE B 110 -9.30 -11.80 7.14
CA ILE B 110 -9.82 -13.07 6.69
C ILE B 110 -8.78 -13.81 5.82
N ASP B 111 -7.86 -13.07 5.19
CA ASP B 111 -6.93 -13.64 4.18
C ASP B 111 -5.45 -13.48 4.47
N GLU B 112 -4.86 -14.52 5.01
CA GLU B 112 -3.49 -14.54 5.51
C GLU B 112 -2.46 -14.29 4.43
N THR B 113 -2.79 -14.70 3.21
CA THR B 113 -1.90 -14.41 2.11
C THR B 113 -1.60 -12.95 1.97
N VAL B 114 -2.61 -12.12 2.20
CA VAL B 114 -2.41 -10.64 2.05
C VAL B 114 -1.31 -10.20 2.97
N ILE B 115 -1.36 -10.71 4.20
CA ILE B 115 -0.35 -10.38 5.23
C ILE B 115 1.02 -10.81 4.75
N GLU B 116 1.10 -12.04 4.27
CA GLU B 116 2.37 -12.58 3.75
C GLU B 116 2.94 -11.77 2.65
N VAL B 117 2.13 -11.53 1.65
CA VAL B 117 2.58 -10.77 0.49
C VAL B 117 2.98 -9.35 0.86
N SER B 118 2.28 -8.77 1.84
N SER B 118 2.29 -8.76 1.84
CA SER B 118 2.61 -7.43 2.24
CA SER B 118 2.63 -7.41 2.25
C SER B 118 3.96 -7.39 2.95
C SER B 118 3.97 -7.39 2.96
N LYS B 119 4.24 -8.41 3.77
CA LYS B 119 5.55 -8.48 4.49
C LYS B 119 6.69 -8.64 3.44
N ILE B 120 6.41 -9.25 2.32
CA ILE B 120 7.43 -9.50 1.33
C ILE B 120 7.69 -8.36 0.33
N TYR B 121 6.63 -7.80 -0.20
CA TYR B 121 6.76 -6.77 -1.20
C TYR B 121 6.50 -5.35 -0.75
N PHE B 122 6.05 -5.13 0.48
CA PHE B 122 5.63 -3.81 0.88
C PHE B 122 6.13 -3.58 2.31
N LYS B 123 7.44 -3.62 2.55
CA LYS B 123 7.99 -3.57 3.91
C LYS B 123 7.78 -2.27 4.69
N ASN B 124 7.76 -1.16 3.98
CA ASN B 124 7.43 0.12 4.65
C ASN B 124 5.97 0.20 5.13
N ILE B 125 5.12 -0.64 4.56
CA ILE B 125 3.76 -0.67 5.04
C ILE B 125 3.57 -1.76 6.10
N SER B 126 4.22 -2.92 5.94
CA SER B 126 3.98 -4.04 6.88
C SER B 126 4.88 -4.01 8.18
N CYS B 127 5.73 -3.01 8.34
CA CYS B 127 6.74 -3.03 9.42
C CYS B 127 6.11 -3.17 10.80
N GLY B 128 4.90 -2.69 11.01
CA GLY B 128 4.31 -2.74 12.34
C GLY B 128 3.99 -4.15 12.85
N TYR B 129 3.99 -5.12 11.95
CA TYR B 129 3.71 -6.48 12.37
C TYR B 129 4.76 -6.99 13.32
N GLU B 130 5.96 -6.38 13.37
CA GLU B 130 7.01 -6.70 14.40
C GLU B 130 6.71 -6.18 15.77
N ASP B 131 5.76 -5.29 15.91
CA ASP B 131 5.54 -4.65 17.23
C ASP B 131 4.96 -5.71 18.17
N LYS B 132 5.57 -5.88 19.33
CA LYS B 132 5.11 -6.93 20.24
C LYS B 132 3.72 -6.75 20.78
N ARG B 133 3.05 -5.64 20.52
CA ARG B 133 1.68 -5.53 21.00
C ARG B 133 0.69 -6.04 19.99
N VAL B 134 1.10 -6.40 18.79
CA VAL B 134 0.15 -6.85 17.79
C VAL B 134 -0.28 -8.34 17.95
N ASN B 135 -1.58 -8.61 18.05
CA ASN B 135 -2.06 -9.99 17.99
C ASN B 135 -2.83 -10.18 16.68
N VAL B 136 -2.50 -11.23 15.94
CA VAL B 136 -3.10 -11.39 14.60
C VAL B 136 -4.13 -12.49 14.63
N PHE B 137 -5.35 -12.25 14.18
CA PHE B 137 -6.38 -13.30 14.02
C PHE B 137 -6.82 -13.45 12.56
N ILE B 138 -6.85 -14.69 12.09
CA ILE B 138 -7.15 -14.97 10.71
C ILE B 138 -8.57 -15.49 10.70
N GLU B 139 -9.53 -14.66 10.33
CA GLU B 139 -10.91 -15.00 10.57
C GLU B 139 -11.77 -13.93 9.94
N ASP B 140 -12.98 -14.33 9.55
CA ASP B 140 -13.91 -13.39 8.98
C ASP B 140 -14.28 -12.54 10.21
N ALA B 141 -14.18 -11.21 10.09
CA ALA B 141 -14.42 -10.30 11.23
C ALA B 141 -15.83 -10.37 11.70
N SER B 142 -16.75 -10.66 10.75
CA SER B 142 -18.14 -10.79 11.06
C SER B 142 -18.34 -11.92 12.07
N LYS B 143 -17.63 -12.99 11.84
CA LYS B 143 -17.70 -14.13 12.73
C LYS B 143 -16.84 -13.83 13.95
N PHE B 144 -15.71 -13.14 13.83
CA PHE B 144 -14.85 -12.74 15.03
C PHE B 144 -15.56 -11.87 16.05
N LEU B 145 -16.37 -10.91 15.55
CA LEU B 145 -17.06 -9.97 16.41
C LEU B 145 -18.36 -10.46 17.06
N GLU B 146 -18.89 -11.58 16.62
CA GLU B 146 -20.14 -12.01 17.22
C GLU B 146 -20.06 -12.31 18.73
N ASN B 147 -18.89 -12.61 19.28
CA ASN B 147 -18.76 -12.88 20.71
C ASN B 147 -17.72 -11.98 21.38
N VAL B 148 -17.81 -10.69 21.08
CA VAL B 148 -16.88 -9.73 21.64
C VAL B 148 -17.77 -8.65 22.10
N THR B 149 -17.66 -8.30 23.38
CA THR B 149 -18.49 -7.27 23.91
C THR B 149 -17.61 -6.37 24.81
N ASN B 150 -17.90 -5.08 24.78
CA ASN B 150 -17.33 -4.17 25.72
C ASN B 150 -15.82 -4.26 25.82
N THR B 151 -15.17 -4.28 24.69
CA THR B 151 -13.75 -4.54 24.64
C THR B 151 -12.93 -3.42 24.03
N TYR B 152 -13.27 -2.95 22.82
CA TYR B 152 -12.35 -2.06 22.12
C TYR B 152 -12.71 -0.60 22.37
N ASP B 153 -11.68 0.21 22.58
CA ASP B 153 -11.84 1.68 22.63
C ASP B 153 -12.04 2.31 21.25
N VAL B 154 -11.41 1.70 20.24
CA VAL B 154 -11.46 2.11 18.82
C VAL B 154 -11.45 0.89 17.97
N ILE B 155 -12.36 0.86 16.98
CA ILE B 155 -12.33 -0.13 15.89
C ILE B 155 -12.25 0.63 14.58
N ILE B 156 -11.33 0.22 13.69
CA ILE B 156 -11.10 0.82 12.43
C ILE B 156 -11.33 -0.28 11.45
N VAL B 157 -12.38 -0.16 10.61
CA VAL B 157 -12.75 -1.14 9.61
C VAL B 157 -12.11 -0.77 8.27
N ASP B 158 -10.94 -1.37 8.02
CA ASP B 158 -10.25 -1.16 6.78
C ASP B 158 -10.61 -2.30 5.86
N SER B 159 -11.81 -2.32 5.32
CA SER B 159 -12.26 -3.43 4.49
C SER B 159 -11.98 -3.18 3.04
N SER B 160 -11.91 -4.28 2.26
CA SER B 160 -12.16 -4.26 0.82
C SER B 160 -13.62 -3.83 0.56
N ASP B 161 -14.04 -3.88 -0.71
CA ASP B 161 -15.37 -3.41 -1.13
C ASP B 161 -16.41 -4.54 -0.99
N PRO B 162 -17.70 -4.20 -1.06
CA PRO B 162 -18.70 -5.17 -0.71
C PRO B 162 -18.79 -6.34 -1.67
N ILE B 163 -18.21 -6.30 -2.85
CA ILE B 163 -18.19 -7.53 -3.62
C ILE B 163 -16.95 -8.36 -3.24
N GLY B 164 -17.21 -9.58 -2.72
CA GLY B 164 -16.16 -10.53 -2.23
C GLY B 164 -16.25 -10.71 -0.69
N PRO B 165 -15.14 -11.13 -0.04
CA PRO B 165 -15.22 -11.50 1.42
C PRO B 165 -15.69 -10.44 2.34
N ALA B 166 -15.64 -9.20 1.90
CA ALA B 166 -16.05 -8.08 2.72
C ALA B 166 -17.59 -7.90 2.70
N GLU B 167 -18.29 -8.67 1.88
CA GLU B 167 -19.73 -8.50 1.80
C GLU B 167 -20.44 -8.63 3.16
N THR B 168 -19.83 -9.36 4.09
CA THR B 168 -20.35 -9.50 5.47
C THR B 168 -20.26 -8.24 6.35
N LEU B 169 -19.57 -7.21 5.88
CA LEU B 169 -19.19 -6.07 6.69
C LEU B 169 -19.94 -4.81 6.36
N PHE B 170 -20.85 -4.89 5.39
CA PHE B 170 -21.66 -3.73 5.01
C PHE B 170 -23.15 -3.93 5.29
N ASN B 171 -23.51 -4.28 6.54
CA ASN B 171 -24.89 -4.47 6.91
C ASN B 171 -25.20 -4.10 8.33
N GLN B 172 -26.48 -4.16 8.65
CA GLN B 172 -26.99 -3.67 9.89
C GLN B 172 -26.41 -4.51 11.04
N ASN B 173 -26.40 -5.83 10.85
CA ASN B 173 -25.92 -6.77 11.83
C ASN B 173 -24.42 -6.58 12.14
N PHE B 174 -23.61 -6.26 11.12
CA PHE B 174 -22.22 -5.96 11.34
C PHE B 174 -22.11 -4.80 12.30
N TYR B 175 -22.91 -3.76 12.12
CA TYR B 175 -22.83 -2.58 12.94
C TYR B 175 -23.33 -2.81 14.38
N GLU B 176 -24.26 -3.75 14.55
CA GLU B 176 -24.71 -4.10 15.91
C GLU B 176 -23.55 -4.68 16.66
N LYS B 177 -22.82 -5.52 15.96
CA LYS B 177 -21.65 -6.20 16.50
C LYS B 177 -20.55 -5.24 16.86
N ILE B 178 -20.21 -4.38 15.90
CA ILE B 178 -19.33 -3.26 16.16
C ILE B 178 -19.78 -2.53 17.40
N TYR B 179 -21.06 -2.16 17.43
CA TYR B 179 -21.55 -1.34 18.52
C TYR B 179 -21.29 -2.02 19.87
N ASN B 180 -21.67 -3.27 20.00
CA ASN B 180 -21.49 -4.08 21.20
C ASN B 180 -20.07 -4.42 21.57
N ALA B 181 -19.19 -4.62 20.60
CA ALA B 181 -17.78 -4.84 20.86
C ALA B 181 -17.01 -3.64 21.38
N LEU B 182 -17.53 -2.43 21.14
CA LEU B 182 -16.92 -1.20 21.68
C LEU B 182 -17.23 -1.00 23.17
N LYS B 183 -16.31 -0.33 23.85
CA LYS B 183 -16.56 0.18 25.16
C LYS B 183 -17.73 1.16 25.10
N PRO B 184 -18.21 1.60 26.26
CA PRO B 184 -19.40 2.47 26.25
C PRO B 184 -19.11 3.79 25.60
N ASN B 185 -17.85 4.18 25.61
CA ASN B 185 -17.50 5.46 25.01
C ASN B 185 -16.57 5.23 23.83
N GLY B 186 -16.63 4.05 23.22
CA GLY B 186 -15.71 3.71 22.16
C GLY B 186 -16.15 4.33 20.84
N TYR B 187 -15.34 4.18 19.78
CA TYR B 187 -15.51 4.80 18.48
C TYR B 187 -15.24 3.80 17.34
N CYS B 188 -15.92 3.96 16.22
CA CYS B 188 -15.64 3.15 15.02
C CYS B 188 -15.54 4.04 13.79
N VAL B 189 -14.57 3.76 12.92
CA VAL B 189 -14.47 4.38 11.65
C VAL B 189 -14.35 3.27 10.62
N ALA B 190 -14.97 3.48 9.47
CA ALA B 190 -15.07 2.46 8.41
C ALA B 190 -14.96 3.12 7.10
N GLN B 191 -14.16 2.51 6.27
CA GLN B 191 -14.09 2.78 4.88
C GLN B 191 -15.52 2.77 4.33
N CYS B 192 -15.82 3.75 3.48
CA CYS B 192 -17.23 4.02 3.09
C CYS B 192 -17.35 4.81 1.83
N GLU B 193 -16.60 4.52 0.82
CA GLU B 193 -17.16 4.74 -0.55
C GLU B 193 -17.33 6.24 -0.94
N SER B 194 -17.13 6.51 -2.21
CA SER B 194 -16.99 7.87 -2.74
C SER B 194 -18.29 8.63 -2.81
N LEU B 195 -18.30 9.82 -2.24
CA LEU B 195 -19.44 10.69 -2.43
C LEU B 195 -19.77 11.00 -3.87
N TRP B 196 -18.85 10.79 -4.74
CA TRP B 196 -19.10 11.05 -6.15
C TRP B 196 -19.86 9.97 -6.84
N ILE B 197 -19.95 8.77 -6.30
CA ILE B 197 -20.88 7.80 -6.92
C ILE B 197 -21.74 6.90 -6.07
N HIS B 198 -21.49 6.79 -4.80
CA HIS B 198 -22.15 5.77 -4.01
C HIS B 198 -23.17 6.45 -3.04
N VAL B 199 -23.87 7.54 -3.40
CA VAL B 199 -24.59 8.27 -2.33
C VAL B 199 -25.66 7.39 -1.63
N GLY B 200 -26.25 6.49 -2.41
CA GLY B 200 -27.20 5.53 -1.87
C GLY B 200 -26.61 4.63 -0.79
N THR B 201 -25.50 3.99 -1.13
CA THR B 201 -24.72 3.25 -0.17
C THR B 201 -24.35 4.06 1.07
N ILE B 202 -23.87 5.29 0.87
CA ILE B 202 -23.45 6.13 1.96
C ILE B 202 -24.67 6.31 2.85
N LYS B 203 -25.81 6.59 2.24
CA LYS B 203 -27.04 6.75 3.04
C LYS B 203 -27.49 5.49 3.74
N ASN B 204 -27.41 4.35 3.10
CA ASN B 204 -27.68 3.08 3.80
C ASN B 204 -26.79 2.91 5.05
N MET B 205 -25.48 3.14 4.85
CA MET B 205 -24.52 2.86 5.88
C MET B 205 -24.75 3.82 7.03
N ILE B 206 -25.08 5.09 6.74
CA ILE B 206 -25.36 6.04 7.77
C ILE B 206 -26.62 5.62 8.48
N GLY B 207 -27.61 5.09 7.74
CA GLY B 207 -28.89 4.56 8.34
C GLY B 207 -28.69 3.42 9.36
N TYR B 208 -27.92 2.40 8.97
CA TYR B 208 -27.48 1.33 9.86
C TYR B 208 -26.75 1.79 11.13
N ALA B 209 -25.81 2.72 10.96
CA ALA B 209 -25.04 3.21 12.12
C ALA B 209 -25.96 4.01 13.04
N LYS B 210 -26.88 4.76 12.45
CA LYS B 210 -27.77 5.62 13.27
C LYS B 210 -28.80 4.86 14.06
N LYS B 211 -29.11 3.63 13.70
CA LYS B 211 -29.91 2.75 14.56
C LYS B 211 -29.33 2.63 15.97
N LEU B 212 -28.02 2.69 16.09
CA LEU B 212 -27.31 2.31 17.28
C LEU B 212 -26.52 3.41 17.87
N PHE B 213 -25.83 4.20 17.06
CA PHE B 213 -24.90 5.20 17.62
C PHE B 213 -25.59 6.53 17.77
N LYS B 214 -25.26 7.28 18.78
CA LYS B 214 -25.78 8.61 18.94
C LYS B 214 -25.28 9.68 17.97
N LYS B 215 -24.02 9.61 17.58
CA LYS B 215 -23.44 10.51 16.58
C LYS B 215 -22.83 9.74 15.37
N VAL B 216 -23.28 10.03 14.16
CA VAL B 216 -22.76 9.40 12.92
C VAL B 216 -22.38 10.50 11.95
N GLU B 217 -21.14 10.50 11.52
CA GLU B 217 -20.59 11.62 10.72
C GLU B 217 -19.78 11.00 9.60
N TYR B 218 -19.44 11.83 8.63
CA TYR B 218 -18.87 11.34 7.37
C TYR B 218 -17.78 12.26 6.90
N ALA B 219 -16.67 11.67 6.51
CA ALA B 219 -15.50 12.47 6.13
C ALA B 219 -14.96 11.98 4.84
N ASN B 220 -14.32 12.88 4.12
CA ASN B 220 -13.71 12.59 2.83
C ASN B 220 -12.19 12.70 2.85
N ILE B 221 -11.55 11.87 2.02
CA ILE B 221 -10.09 11.81 1.94
C ILE B 221 -9.68 11.84 0.47
N SER B 222 -8.72 12.68 0.10
CA SER B 222 -8.29 12.78 -1.27
C SER B 222 -7.25 11.71 -1.45
N ILE B 223 -7.50 10.78 -2.34
CA ILE B 223 -6.51 9.77 -2.65
C ILE B 223 -6.68 9.29 -4.08
N PRO B 224 -5.65 9.49 -4.91
CA PRO B 224 -5.92 9.43 -6.36
C PRO B 224 -6.23 8.07 -6.93
N THR B 225 -5.85 7.00 -6.24
CA THR B 225 -5.89 5.66 -6.83
C THR B 225 -7.10 4.87 -6.35
N TYR B 226 -8.04 5.49 -5.66
CA TYR B 226 -9.36 4.94 -5.48
C TYR B 226 -10.31 5.66 -6.45
N PRO B 227 -11.34 4.98 -6.91
CA PRO B 227 -12.30 5.47 -7.86
C PRO B 227 -12.79 6.88 -7.48
N CYS B 228 -12.61 7.84 -8.39
CA CYS B 228 -13.12 9.22 -8.22
C CYS B 228 -12.20 10.03 -7.34
N GLY B 229 -11.11 9.43 -6.91
CA GLY B 229 -10.00 10.17 -6.31
C GLY B 229 -10.25 10.51 -4.85
N CYS B 230 -11.22 9.84 -4.24
CA CYS B 230 -11.50 10.04 -2.84
C CYS B 230 -12.23 8.83 -2.34
N ILE B 231 -12.18 8.77 -1.02
CA ILE B 231 -12.92 7.76 -0.33
C ILE B 231 -13.43 8.36 0.95
N GLY B 232 -14.52 7.85 1.42
CA GLY B 232 -15.11 8.38 2.67
C GLY B 232 -14.83 7.59 3.92
N ILE B 233 -15.04 8.24 5.05
CA ILE B 233 -14.93 7.60 6.32
C ILE B 233 -16.24 7.76 6.99
N LEU B 234 -16.85 6.63 7.28
CA LEU B 234 -18.02 6.60 8.20
C LEU B 234 -17.54 6.55 9.65
N CYS B 235 -18.07 7.44 10.48
CA CYS B 235 -17.52 7.80 11.76
C CYS B 235 -18.64 7.69 12.85
N CYS B 236 -18.50 6.69 13.75
CA CYS B 236 -19.53 6.31 14.68
C CYS B 236 -19.06 6.54 16.11
N SER B 237 -19.85 7.33 16.84
CA SER B 237 -19.52 7.65 18.21
C SER B 237 -20.72 7.31 19.07
N LYS B 238 -20.47 6.89 20.31
CA LYS B 238 -21.56 6.65 21.25
C LYS B 238 -21.84 7.87 22.12
N THR B 239 -20.90 8.80 22.15
CA THR B 239 -21.09 10.09 22.79
C THR B 239 -21.67 11.06 21.77
N ASP B 240 -22.17 12.20 22.25
CA ASP B 240 -22.79 13.19 21.37
C ASP B 240 -21.76 14.19 20.80
N THR B 241 -20.51 14.12 21.24
CA THR B 241 -19.48 15.07 20.84
C THR B 241 -18.80 14.71 19.52
N GLY B 242 -18.85 13.42 19.12
CA GLY B 242 -18.41 13.02 17.75
C GLY B 242 -16.92 12.98 17.51
N LEU B 243 -16.58 12.96 16.24
CA LEU B 243 -15.21 12.71 15.86
C LEU B 243 -14.60 13.79 14.96
N THR B 244 -15.26 14.95 14.86
CA THR B 244 -14.79 16.06 13.99
C THR B 244 -13.76 16.93 14.66
N LYS B 245 -13.65 16.91 15.99
CA LYS B 245 -12.61 17.71 16.66
C LYS B 245 -11.60 16.87 17.38
N PRO B 246 -10.32 16.99 17.01
CA PRO B 246 -9.30 16.27 17.78
C PRO B 246 -9.09 16.88 19.16
N ASN B 247 -8.88 16.04 20.16
CA ASN B 247 -8.57 16.44 21.54
C ASN B 247 -7.10 16.66 21.84
N LYS B 248 -6.22 16.29 20.92
CA LYS B 248 -4.80 16.43 21.14
C LYS B 248 -4.10 16.59 19.81
N LYS B 249 -2.86 17.00 19.89
CA LYS B 249 -2.06 17.18 18.73
C LYS B 249 -1.01 16.16 18.76
N LEU B 250 -0.64 15.72 17.57
CA LEU B 250 0.37 14.73 17.40
C LEU B 250 1.79 15.33 17.33
N GLU B 251 2.30 15.72 18.49
CA GLU B 251 3.54 16.44 18.52
C GLU B 251 4.76 15.57 18.77
N SER B 252 4.65 14.41 19.41
CA SER B 252 5.87 13.63 19.70
C SER B 252 6.57 13.16 18.43
N LYS B 253 7.78 12.66 18.55
CA LYS B 253 8.59 12.34 17.40
C LYS B 253 8.15 11.15 16.55
N GLU B 254 7.27 10.30 17.07
CA GLU B 254 6.76 9.21 16.22
C GLU B 254 5.86 9.74 15.14
N PHE B 255 5.38 10.97 15.27
CA PHE B 255 4.47 11.58 14.35
C PHE B 255 5.13 12.59 13.43
N ALA B 256 6.43 12.74 13.49
CA ALA B 256 7.10 13.85 12.78
C ALA B 256 7.02 13.66 11.25
N ASP B 257 7.05 12.40 10.85
CA ASP B 257 6.99 12.09 9.47
C ASP B 257 5.61 12.08 8.85
N LEU B 258 4.53 12.45 9.55
CA LEU B 258 3.22 12.33 8.96
C LEU B 258 3.27 13.12 7.61
N LYS B 259 2.72 12.51 6.55
CA LYS B 259 2.57 13.15 5.26
C LYS B 259 1.20 13.65 4.82
N TYR B 260 0.15 13.35 5.51
CA TYR B 260 -1.17 13.87 5.17
C TYR B 260 -1.88 14.51 6.42
N TYR B 261 -2.19 13.73 7.40
CA TYR B 261 -3.00 14.19 8.56
C TYR B 261 -2.33 15.35 9.21
N ASN B 262 -3.10 16.36 9.64
CA ASN B 262 -2.69 17.22 10.71
C ASN B 262 -3.91 17.78 11.42
N TYR B 263 -3.66 18.58 12.44
CA TYR B 263 -4.73 19.02 13.33
C TYR B 263 -5.89 19.67 12.58
N GLU B 264 -5.55 20.58 11.67
CA GLU B 264 -6.59 21.32 10.98
C GLU B 264 -7.33 20.51 9.92
N ASN B 265 -6.62 19.65 9.21
CA ASN B 265 -7.24 19.00 8.10
C ASN B 265 -8.09 17.81 8.57
N HIS B 266 -7.88 17.41 9.81
CA HIS B 266 -8.81 16.51 10.53
C HIS B 266 -10.24 17.06 10.47
N SER B 267 -10.47 18.27 10.96
CA SER B 267 -11.81 18.92 10.85
C SER B 267 -12.26 19.25 9.47
N ALA B 268 -11.35 19.75 8.68
CA ALA B 268 -11.66 20.04 7.25
C ALA B 268 -12.24 18.87 6.52
N ALA B 269 -11.81 17.68 6.88
CA ALA B 269 -12.24 16.50 6.16
C ALA B 269 -13.72 16.29 6.31
N PHE B 270 -14.33 16.85 7.33
CA PHE B 270 -15.78 16.68 7.45
C PHE B 270 -16.58 17.84 6.86
N LYS B 271 -15.97 18.73 6.09
CA LYS B 271 -16.72 19.81 5.44
C LYS B 271 -17.05 19.32 4.06
N LEU B 272 -18.29 18.92 3.85
CA LEU B 272 -18.62 18.18 2.63
C LEU B 272 -19.28 19.08 1.59
N PRO B 273 -19.17 18.69 0.34
CA PRO B 273 -19.89 19.41 -0.67
C PRO B 273 -21.40 19.57 -0.29
N ALA B 274 -21.97 20.74 -0.66
CA ALA B 274 -23.36 21.06 -0.31
C ALA B 274 -24.34 20.00 -0.73
N PHE B 275 -24.18 19.44 -1.93
CA PHE B 275 -25.16 18.46 -2.42
C PHE B 275 -25.17 17.25 -1.46
N LEU B 276 -24.01 16.90 -0.89
CA LEU B 276 -23.98 15.72 -0.08
C LEU B 276 -24.67 15.96 1.23
N LEU B 277 -24.43 17.10 1.87
CA LEU B 277 -25.18 17.46 3.08
C LEU B 277 -26.65 17.36 2.89
N LYS B 278 -27.13 17.85 1.75
CA LYS B 278 -28.52 17.80 1.47
C LYS B 278 -29.00 16.32 1.42
N GLU B 279 -28.33 15.48 0.65
CA GLU B 279 -28.72 14.10 0.54
C GLU B 279 -28.67 13.34 1.89
N ILE B 280 -27.78 13.69 2.81
CA ILE B 280 -27.74 12.97 4.10
C ILE B 280 -28.50 13.65 5.26
N GLU B 281 -28.58 14.98 5.28
CA GLU B 281 -29.57 15.71 6.12
C GLU B 281 -30.77 14.86 6.43
N ASN B 282 -31.32 14.25 5.36
CA ASN B 282 -32.34 13.22 5.47
C ASN B 282 -31.89 11.91 4.81
N LYS C 3 -19.53 -0.75 -27.30
CA LYS C 3 -19.27 0.62 -26.76
C LYS C 3 -17.77 0.96 -26.59
N LYS C 4 -17.40 2.16 -26.95
CA LYS C 4 -16.01 2.54 -26.93
C LYS C 4 -15.77 3.35 -25.63
N TRP C 5 -14.50 3.44 -25.26
CA TRP C 5 -14.01 4.24 -24.12
C TRP C 5 -13.12 5.41 -24.56
N PHE C 6 -13.34 6.58 -24.02
CA PHE C 6 -12.34 7.67 -24.10
C PHE C 6 -11.37 7.58 -22.89
N SER C 7 -10.07 7.69 -23.17
CA SER C 7 -8.95 7.54 -22.24
C SER C 7 -8.06 8.80 -22.31
N GLU C 8 -7.58 9.32 -21.19
CA GLU C 8 -6.92 10.62 -21.08
C GLU C 8 -5.47 10.44 -20.67
N PHE C 9 -4.60 10.35 -21.67
CA PHE C 9 -3.18 10.09 -21.52
C PHE C 9 -2.54 11.44 -21.69
N SER C 10 -1.51 11.77 -20.93
CA SER C 10 -0.75 12.99 -21.17
C SER C 10 0.64 12.84 -20.59
N ILE C 11 1.61 13.54 -21.18
CA ILE C 11 2.95 13.54 -20.60
C ILE C 11 2.98 14.34 -19.33
N MET C 12 1.95 15.13 -19.10
CA MET C 12 1.78 15.81 -17.86
C MET C 12 1.38 14.90 -16.71
N TRP C 13 0.98 13.66 -16.99
CA TRP C 13 0.65 12.69 -15.94
C TRP C 13 1.03 11.29 -16.41
N PRO C 14 2.32 11.04 -16.55
CA PRO C 14 2.78 9.77 -17.07
C PRO C 14 2.38 8.64 -16.20
N GLY C 15 2.08 7.52 -16.85
CA GLY C 15 1.84 6.24 -16.15
C GLY C 15 0.48 6.03 -15.50
N GLN C 16 -0.45 6.95 -15.77
CA GLN C 16 -1.79 6.88 -15.25
C GLN C 16 -2.73 7.38 -16.31
N ALA C 17 -3.96 6.90 -16.29
CA ALA C 17 -5.00 7.46 -17.12
C ALA C 17 -6.37 7.23 -16.59
N PHE C 18 -7.25 8.19 -16.79
CA PHE C 18 -8.66 8.01 -16.45
C PHE C 18 -9.44 7.77 -17.75
N SER C 19 -10.45 6.91 -17.68
CA SER C 19 -11.23 6.55 -18.85
C SER C 19 -12.72 6.66 -18.57
N LEU C 20 -13.42 7.14 -19.59
CA LEU C 20 -14.90 7.23 -19.58
C LEU C 20 -15.52 6.47 -20.76
N LYS C 21 -16.59 5.75 -20.46
CA LYS C 21 -17.34 5.06 -21.49
C LYS C 21 -18.22 6.02 -22.31
N ILE C 22 -18.08 5.88 -23.61
CA ILE C 22 -18.72 6.73 -24.57
C ILE C 22 -20.12 6.19 -24.97
N LYS C 23 -21.13 7.00 -24.78
CA LYS C 23 -22.47 6.74 -25.29
C LYS C 23 -22.52 7.11 -26.78
N LYS C 24 -22.26 8.36 -27.11
CA LYS C 24 -21.94 8.76 -28.49
C LYS C 24 -21.07 10.03 -28.57
N ILE C 25 -20.30 10.06 -29.64
CA ILE C 25 -19.50 11.16 -30.03
C ILE C 25 -20.44 12.18 -30.63
N LEU C 26 -20.35 13.42 -30.16
CA LEU C 26 -21.27 14.45 -30.51
C LEU C 26 -20.62 15.40 -31.50
N TYR C 27 -19.29 15.63 -31.37
CA TYR C 27 -18.59 16.67 -32.12
C TYR C 27 -17.07 16.59 -32.01
N GLU C 28 -16.36 16.71 -33.12
CA GLU C 28 -14.90 16.71 -33.18
C GLU C 28 -14.40 17.64 -34.24
N THR C 29 -13.43 18.47 -33.92
CA THR C 29 -12.91 19.42 -34.88
C THR C 29 -11.54 19.97 -34.44
N LYS C 30 -10.76 20.45 -35.39
CA LYS C 30 -9.49 21.06 -35.09
C LYS C 30 -9.75 22.52 -35.26
N SER C 31 -9.60 23.32 -34.23
CA SER C 31 -9.82 24.77 -34.34
C SER C 31 -8.49 25.42 -34.74
N LYS C 32 -8.41 26.75 -34.78
CA LYS C 32 -7.11 27.38 -34.98
C LYS C 32 -6.07 26.99 -33.93
N TYR C 33 -6.52 26.63 -32.72
CA TYR C 33 -5.61 26.36 -31.63
C TYR C 33 -5.53 24.97 -31.13
N GLN C 34 -6.62 24.22 -31.21
CA GLN C 34 -6.70 22.96 -30.45
C GLN C 34 -7.58 21.91 -31.11
N ASN C 35 -7.33 20.68 -30.73
CA ASN C 35 -8.26 19.59 -30.98
C ASN C 35 -9.45 19.66 -30.03
N VAL C 36 -10.66 19.74 -30.58
CA VAL C 36 -11.85 19.86 -29.77
C VAL C 36 -12.71 18.62 -29.95
N LEU C 37 -13.19 18.06 -28.85
CA LEU C 37 -14.04 16.86 -28.84
C LEU C 37 -15.13 17.00 -27.75
N VAL C 38 -16.40 16.71 -28.09
CA VAL C 38 -17.50 16.67 -27.17
C VAL C 38 -18.14 15.32 -27.37
N PHE C 39 -18.47 14.65 -26.26
CA PHE C 39 -19.08 13.35 -26.34
C PHE C 39 -19.94 13.15 -25.13
N GLU C 40 -20.94 12.31 -25.28
CA GLU C 40 -21.78 11.90 -24.21
C GLU C 40 -21.19 10.64 -23.56
N SER C 41 -20.82 10.75 -22.26
CA SER C 41 -20.32 9.63 -21.50
C SER C 41 -21.51 8.84 -21.07
N THR C 42 -21.33 7.58 -20.71
CA THR C 42 -22.48 6.84 -20.11
C THR C 42 -22.88 7.31 -18.71
N THR C 43 -21.96 7.90 -17.92
CA THR C 43 -22.34 8.20 -16.47
C THR C 43 -22.09 9.59 -16.02
N TYR C 44 -21.32 10.35 -16.80
CA TYR C 44 -20.99 11.71 -16.44
C TYR C 44 -21.64 12.76 -17.34
N GLY C 45 -22.55 12.34 -18.23
CA GLY C 45 -23.19 13.28 -19.09
C GLY C 45 -22.24 13.70 -20.22
N LYS C 46 -22.52 14.85 -20.85
CA LYS C 46 -21.64 15.36 -21.90
C LYS C 46 -20.30 15.85 -21.30
N VAL C 47 -19.25 15.70 -22.12
CA VAL C 47 -17.85 15.89 -21.74
C VAL C 47 -17.22 16.72 -22.82
N LEU C 48 -16.37 17.64 -22.43
CA LEU C 48 -15.67 18.51 -23.37
C LEU C 48 -14.21 18.22 -23.20
N VAL C 49 -13.54 17.97 -24.29
CA VAL C 49 -12.11 17.66 -24.29
C VAL C 49 -11.30 18.54 -25.22
N LEU C 50 -10.14 18.99 -24.73
CA LEU C 50 -9.20 19.80 -25.54
C LEU C 50 -7.80 19.23 -25.53
N ASP C 51 -7.26 18.97 -26.74
CA ASP C 51 -5.96 18.35 -26.91
C ASP C 51 -5.88 17.13 -26.09
N GLY C 52 -6.97 16.38 -26.02
CA GLY C 52 -6.97 15.04 -25.41
C GLY C 52 -7.18 15.08 -23.89
N VAL C 53 -7.40 16.27 -23.35
CA VAL C 53 -7.58 16.46 -21.90
C VAL C 53 -8.98 16.93 -21.59
N ILE C 54 -9.59 16.34 -20.59
CA ILE C 54 -10.90 16.65 -20.21
C ILE C 54 -10.94 17.99 -19.53
N GLN C 55 -11.86 18.84 -19.97
CA GLN C 55 -12.01 20.16 -19.46
C GLN C 55 -13.15 20.22 -18.48
N LEU C 56 -14.27 19.55 -18.81
CA LEU C 56 -15.42 19.41 -17.92
C LEU C 56 -16.35 18.26 -18.31
N THR C 57 -17.16 17.88 -17.33
CA THR C 57 -18.27 16.99 -17.49
C THR C 57 -19.45 17.60 -16.84
N GLU C 58 -20.67 17.26 -17.31
CA GLU C 58 -21.90 17.86 -16.71
C GLU C 58 -22.11 17.46 -15.28
N LYS C 59 -21.74 16.24 -14.95
CA LYS C 59 -22.01 15.77 -13.59
C LYS C 59 -21.13 16.51 -12.55
N ASP C 60 -19.90 16.85 -12.86
CA ASP C 60 -19.07 17.36 -11.77
C ASP C 60 -18.58 18.81 -11.92
N GLU C 61 -18.89 19.43 -13.07
CA GLU C 61 -18.40 20.76 -13.38
C GLU C 61 -18.76 21.77 -12.27
N PHE C 62 -19.89 21.65 -11.60
CA PHE C 62 -20.24 22.65 -10.58
C PHE C 62 -19.14 22.76 -9.53
N ALA C 63 -18.41 21.67 -9.27
CA ALA C 63 -17.43 21.73 -8.18
C ALA C 63 -16.33 22.75 -8.44
N TYR C 64 -15.74 22.64 -9.57
CA TYR C 64 -14.70 23.54 -10.01
C TYR C 64 -15.25 24.94 -10.26
N HIS C 65 -16.32 25.06 -11.06
CA HIS C 65 -16.82 26.38 -11.38
C HIS C 65 -17.32 27.16 -10.16
N GLU C 66 -18.01 26.49 -9.24
CA GLU C 66 -18.43 27.17 -7.98
C GLU C 66 -17.21 27.55 -7.08
N MET C 67 -16.19 26.69 -6.99
CA MET C 67 -15.06 27.04 -6.05
C MET C 67 -14.20 28.16 -6.60
N MET C 68 -13.91 28.07 -7.90
CA MET C 68 -13.15 29.09 -8.56
C MET C 68 -13.81 30.44 -8.49
N THR C 69 -15.15 30.46 -8.49
CA THR C 69 -15.90 31.71 -8.57
C THR C 69 -16.19 32.28 -7.20
N HIS C 70 -16.74 31.46 -6.33
CA HIS C 70 -17.25 32.00 -5.07
C HIS C 70 -16.19 32.19 -3.94
N VAL C 71 -15.04 31.56 -4.06
CA VAL C 71 -13.93 31.82 -3.20
C VAL C 71 -13.57 33.31 -3.33
N PRO C 72 -13.11 33.80 -4.52
CA PRO C 72 -12.83 35.24 -4.54
C PRO C 72 -14.05 36.20 -4.46
N MET C 73 -15.20 35.83 -5.05
CA MET C 73 -16.33 36.75 -5.02
C MET C 73 -16.92 36.95 -3.64
N THR C 74 -16.67 36.05 -2.69
CA THR C 74 -17.17 36.29 -1.33
C THR C 74 -16.20 36.99 -0.47
N VAL C 75 -14.97 37.10 -0.96
CA VAL C 75 -13.99 37.82 -0.21
C VAL C 75 -13.96 39.30 -0.68
N SER C 76 -13.86 39.54 -2.00
CA SER C 76 -13.88 40.93 -2.50
C SER C 76 -15.13 41.69 -1.94
N LYS C 77 -14.98 42.92 -1.42
CA LYS C 77 -16.14 43.62 -0.81
C LYS C 77 -17.16 44.10 -1.82
N GLU C 78 -16.71 44.79 -2.87
CA GLU C 78 -17.64 45.32 -3.89
C GLU C 78 -17.25 44.97 -5.32
N PRO C 79 -17.20 43.70 -5.63
CA PRO C 79 -16.66 43.39 -6.99
C PRO C 79 -17.57 43.91 -8.08
N LYS C 80 -17.16 44.93 -8.84
CA LYS C 80 -18.05 45.38 -9.95
C LYS C 80 -17.58 44.96 -11.27
N ASN C 81 -16.26 44.82 -11.41
CA ASN C 81 -15.70 44.49 -12.71
C ASN C 81 -14.78 43.30 -12.56
N VAL C 82 -15.18 42.22 -13.19
CA VAL C 82 -14.51 40.96 -13.05
C VAL C 82 -14.11 40.53 -14.40
N LEU C 83 -12.89 39.97 -14.52
CA LEU C 83 -12.45 39.33 -15.79
C LEU C 83 -12.29 37.82 -15.60
N VAL C 84 -12.63 37.08 -16.62
CA VAL C 84 -12.37 35.69 -16.68
C VAL C 84 -11.42 35.43 -17.85
N VAL C 85 -10.32 34.74 -17.58
CA VAL C 85 -9.33 34.37 -18.59
C VAL C 85 -9.57 32.91 -18.91
N GLY C 86 -9.61 32.55 -20.20
CA GLY C 86 -10.10 31.25 -20.59
C GLY C 86 -11.59 31.11 -20.29
N GLY C 87 -12.00 29.97 -19.73
CA GLY C 87 -13.39 29.84 -19.33
C GLY C 87 -14.43 29.82 -20.48
N GLY C 88 -14.00 29.38 -21.66
CA GLY C 88 -14.81 29.35 -22.85
C GLY C 88 -16.19 28.79 -22.70
N ASP C 89 -16.28 27.69 -21.99
CA ASP C 89 -17.53 27.03 -21.69
C ASP C 89 -18.59 27.91 -21.02
N GLY C 90 -18.17 28.91 -20.28
CA GLY C 90 -19.14 29.78 -19.63
C GLY C 90 -19.39 29.55 -18.15
N GLY C 91 -18.90 28.44 -17.60
CA GLY C 91 -19.27 28.17 -16.23
C GLY C 91 -18.96 29.21 -15.19
N ILE C 92 -17.79 29.82 -15.28
CA ILE C 92 -17.41 30.85 -14.32
C ILE C 92 -18.39 32.00 -14.51
N ILE C 93 -18.68 32.28 -15.77
CA ILE C 93 -19.67 33.34 -16.09
C ILE C 93 -21.00 33.09 -15.45
N ARG C 94 -21.47 31.86 -15.61
CA ARG C 94 -22.72 31.50 -15.06
C ARG C 94 -22.73 31.84 -13.58
N GLU C 95 -21.70 31.44 -12.90
CA GLU C 95 -21.65 31.63 -11.46
C GLU C 95 -21.53 33.09 -11.16
N LEU C 96 -20.70 33.81 -11.94
CA LEU C 96 -20.61 35.27 -11.72
C LEU C 96 -21.95 36.00 -11.84
N CYS C 97 -22.81 35.63 -12.79
CA CYS C 97 -24.05 36.35 -13.06
C CYS C 97 -25.00 36.25 -11.88
N LYS C 98 -24.73 35.36 -10.93
CA LYS C 98 -25.65 35.19 -9.81
C LYS C 98 -25.51 36.39 -8.91
N TYR C 99 -24.39 37.10 -9.04
CA TYR C 99 -24.12 38.28 -8.23
C TYR C 99 -24.75 39.46 -8.96
N LYS C 100 -25.90 39.95 -8.43
CA LYS C 100 -26.69 40.97 -9.14
C LYS C 100 -25.97 42.30 -9.07
N SER C 101 -25.15 42.53 -8.06
CA SER C 101 -24.36 43.76 -7.96
C SER C 101 -23.11 43.84 -8.87
N VAL C 102 -22.74 42.74 -9.52
CA VAL C 102 -21.64 42.84 -10.48
C VAL C 102 -22.14 43.78 -11.58
N GLU C 103 -21.28 44.64 -12.14
CA GLU C 103 -21.71 45.56 -13.26
C GLU C 103 -21.18 45.17 -14.61
N ASN C 104 -20.00 44.58 -14.62
CA ASN C 104 -19.36 44.24 -15.86
C ASN C 104 -18.62 42.93 -15.72
N ILE C 105 -18.77 42.03 -16.73
CA ILE C 105 -17.96 40.85 -16.82
C ILE C 105 -17.34 40.73 -18.16
N ASP C 106 -16.02 40.77 -18.16
CA ASP C 106 -15.28 40.54 -19.40
C ASP C 106 -14.75 39.14 -19.45
N ILE C 107 -14.67 38.56 -20.67
CA ILE C 107 -14.05 37.28 -20.80
C ILE C 107 -13.08 37.31 -21.99
N CYS C 108 -11.88 36.77 -21.77
CA CYS C 108 -10.83 36.70 -22.74
C CYS C 108 -10.45 35.26 -22.93
N GLU C 109 -10.99 34.71 -24.01
CA GLU C 109 -10.83 33.33 -24.40
C GLU C 109 -10.15 33.35 -25.74
N ILE C 110 -9.15 32.50 -25.90
CA ILE C 110 -8.34 32.56 -27.07
C ILE C 110 -9.01 31.83 -28.23
N ASP C 111 -9.92 30.88 -27.94
CA ASP C 111 -10.46 29.97 -28.99
C ASP C 111 -11.94 30.07 -29.07
N GLU C 112 -12.46 30.86 -30.00
CA GLU C 112 -13.91 31.01 -30.10
C GLU C 112 -14.69 29.75 -30.48
N THR C 113 -14.06 28.76 -31.07
CA THR C 113 -14.75 27.48 -31.23
C THR C 113 -15.25 26.93 -29.89
N VAL C 114 -14.51 27.18 -28.80
CA VAL C 114 -14.90 26.65 -27.51
C VAL C 114 -16.18 27.30 -27.13
N ILE C 115 -16.29 28.57 -27.38
CA ILE C 115 -17.55 29.25 -27.03
C ILE C 115 -18.75 28.76 -27.88
N GLU C 116 -18.55 28.68 -29.20
CA GLU C 116 -19.59 28.11 -30.13
C GLU C 116 -20.08 26.76 -29.65
N VAL C 117 -19.13 25.88 -29.41
CA VAL C 117 -19.41 24.52 -28.97
C VAL C 117 -20.15 24.48 -27.65
N SER C 118 -19.93 25.44 -26.78
CA SER C 118 -20.59 25.37 -25.47
C SER C 118 -22.03 25.86 -25.54
N LYS C 119 -22.25 26.75 -26.51
CA LYS C 119 -23.60 27.24 -26.77
C LYS C 119 -24.47 26.13 -27.36
N ILE C 120 -23.84 25.23 -28.04
CA ILE C 120 -24.56 24.15 -28.67
C ILE C 120 -24.84 22.95 -27.74
N TYR C 121 -23.78 22.35 -27.20
CA TYR C 121 -23.86 21.15 -26.38
C TYR C 121 -23.88 21.32 -24.85
N PHE C 122 -23.77 22.53 -24.30
CA PHE C 122 -23.67 22.75 -22.85
C PHE C 122 -24.44 24.02 -22.42
N LYS C 123 -25.72 24.02 -22.73
CA LYS C 123 -26.58 25.15 -22.48
C LYS C 123 -26.77 25.45 -20.99
N ASN C 124 -26.71 24.43 -20.16
CA ASN C 124 -26.79 24.67 -18.70
C ASN C 124 -25.53 25.31 -18.11
N ILE C 125 -24.48 25.35 -18.89
CA ILE C 125 -23.20 25.94 -18.51
C ILE C 125 -22.87 27.28 -19.24
N SER C 126 -23.32 27.44 -20.49
CA SER C 126 -23.03 28.60 -21.33
C SER C 126 -24.17 29.60 -21.37
N CYS C 127 -25.16 29.40 -20.52
CA CYS C 127 -26.32 30.23 -20.51
C CYS C 127 -26.05 31.67 -20.07
N GLY C 128 -24.94 31.94 -19.40
CA GLY C 128 -24.69 33.35 -18.98
C GLY C 128 -24.17 34.24 -20.09
N TYR C 129 -23.85 33.69 -21.25
CA TYR C 129 -23.45 34.57 -22.33
C TYR C 129 -24.61 35.52 -22.73
N GLU C 130 -25.83 35.22 -22.29
CA GLU C 130 -27.02 36.08 -22.52
C GLU C 130 -27.05 37.26 -21.62
N ASP C 131 -26.30 37.26 -20.55
CA ASP C 131 -26.44 38.37 -19.57
C ASP C 131 -25.89 39.64 -20.20
N LYS C 132 -26.64 40.74 -20.16
CA LYS C 132 -26.15 41.97 -20.83
C LYS C 132 -24.85 42.59 -20.19
N ARG C 133 -24.43 42.10 -18.98
CA ARG C 133 -23.13 42.49 -18.37
C ARG C 133 -21.90 41.83 -19.02
N VAL C 134 -22.11 40.89 -19.93
CA VAL C 134 -21.03 40.09 -20.40
C VAL C 134 -20.46 40.56 -21.72
N ASN C 135 -19.12 40.63 -21.78
CA ASN C 135 -18.35 41.15 -22.96
C ASN C 135 -17.24 40.20 -23.25
N VAL C 136 -17.23 39.69 -24.47
CA VAL C 136 -16.32 38.66 -24.96
C VAL C 136 -15.17 39.20 -25.83
N PHE C 137 -13.94 38.75 -25.59
CA PHE C 137 -12.80 39.13 -26.38
C PHE C 137 -12.14 37.86 -26.74
N ILE C 138 -11.85 37.69 -28.01
CA ILE C 138 -11.20 36.56 -28.51
C ILE C 138 -9.72 36.86 -28.71
N GLU C 139 -8.88 36.51 -27.74
CA GLU C 139 -7.44 36.85 -27.75
C GLU C 139 -6.71 35.99 -26.72
N ASP C 140 -5.42 35.86 -26.94
CA ASP C 140 -4.51 35.30 -25.99
C ASP C 140 -4.55 36.30 -24.81
N ALA C 141 -4.96 35.84 -23.62
CA ALA C 141 -5.13 36.77 -22.49
C ALA C 141 -3.80 37.47 -22.17
N SER C 142 -2.72 36.83 -22.52
CA SER C 142 -1.40 37.35 -22.30
C SER C 142 -1.14 38.65 -23.09
N LYS C 143 -1.68 38.74 -24.29
CA LYS C 143 -1.69 39.97 -25.07
C LYS C 143 -2.78 40.92 -24.62
N PHE C 144 -3.99 40.40 -24.40
CA PHE C 144 -5.07 41.21 -23.99
C PHE C 144 -4.66 42.02 -22.76
N LEU C 145 -3.98 41.41 -21.79
CA LEU C 145 -3.65 42.20 -20.56
C LEU C 145 -2.40 43.15 -20.70
N GLU C 146 -1.69 43.14 -21.83
CA GLU C 146 -0.69 44.21 -22.13
C GLU C 146 -1.49 45.52 -22.09
N ASN C 147 -1.05 46.50 -21.33
CA ASN C 147 -1.88 47.76 -21.34
C ASN C 147 -3.35 47.66 -20.81
N VAL C 148 -3.63 46.72 -19.92
CA VAL C 148 -4.77 46.87 -19.07
C VAL C 148 -4.23 47.13 -17.66
N THR C 149 -4.76 48.17 -17.02
CA THR C 149 -4.22 48.66 -15.78
C THR C 149 -5.32 49.12 -14.88
N ASN C 150 -5.25 48.72 -13.63
CA ASN C 150 -6.10 49.27 -12.55
C ASN C 150 -7.61 49.23 -12.88
N THR C 151 -8.06 48.03 -13.28
CA THR C 151 -9.37 47.84 -13.86
C THR C 151 -10.25 46.80 -13.19
N TYR C 152 -9.71 45.62 -12.94
CA TYR C 152 -10.54 44.50 -12.44
C TYR C 152 -10.44 44.42 -10.94
N ASP C 153 -11.57 44.15 -10.29
CA ASP C 153 -11.60 43.79 -8.86
C ASP C 153 -11.21 42.33 -8.60
N VAL C 154 -11.56 41.44 -9.55
CA VAL C 154 -11.32 40.06 -9.47
C VAL C 154 -10.89 39.59 -10.86
N ILE C 155 -9.79 38.82 -10.94
CA ILE C 155 -9.42 38.06 -12.14
C ILE C 155 -9.47 36.53 -11.86
N ILE C 156 -10.17 35.77 -12.70
CA ILE C 156 -10.30 34.33 -12.51
C ILE C 156 -9.70 33.67 -13.74
N VAL C 157 -8.65 32.85 -13.57
CA VAL C 157 -7.92 32.26 -14.72
C VAL C 157 -8.31 30.79 -14.81
N ASP C 158 -9.31 30.53 -15.63
CA ASP C 158 -9.82 29.17 -15.82
C ASP C 158 -9.23 28.71 -17.10
N SER C 159 -7.97 28.32 -16.99
CA SER C 159 -7.20 27.85 -18.11
C SER C 159 -7.20 26.36 -18.29
N SER C 160 -6.78 25.94 -19.47
CA SER C 160 -6.31 24.61 -19.70
C SER C 160 -4.88 24.53 -19.24
N ASP C 161 -4.28 23.36 -19.43
CA ASP C 161 -2.99 22.99 -18.88
C ASP C 161 -1.84 23.62 -19.71
N PRO C 162 -0.60 23.65 -19.12
CA PRO C 162 0.52 24.41 -19.70
C PRO C 162 0.92 23.95 -21.12
N ILE C 163 0.56 22.72 -21.51
CA ILE C 163 0.84 22.27 -22.87
C ILE C 163 -0.28 22.67 -23.80
N GLY C 164 -0.01 23.47 -24.84
CA GLY C 164 -1.06 24.04 -25.69
C GLY C 164 -1.10 25.57 -25.50
N PRO C 165 -2.16 26.23 -25.97
CA PRO C 165 -2.17 27.67 -25.98
C PRO C 165 -2.10 28.31 -24.56
N ALA C 166 -2.35 27.54 -23.52
CA ALA C 166 -2.28 28.12 -22.16
C ALA C 166 -0.83 28.26 -21.65
N GLU C 167 0.17 27.76 -22.38
CA GLU C 167 1.57 27.94 -21.98
C GLU C 167 1.93 29.43 -21.72
N THR C 168 1.37 30.36 -22.45
CA THR C 168 1.62 31.75 -22.16
C THR C 168 1.05 32.20 -20.80
N LEU C 169 0.28 31.39 -20.10
CA LEU C 169 -0.27 31.87 -18.82
C LEU C 169 0.36 31.27 -17.60
N PHE C 170 1.26 30.32 -17.81
CA PHE C 170 2.04 29.72 -16.75
C PHE C 170 3.49 30.26 -16.65
N ASN C 171 3.63 31.54 -16.41
CA ASN C 171 4.96 32.10 -16.30
C ASN C 171 4.86 33.42 -15.58
N GLN C 172 6.03 33.93 -15.23
CA GLN C 172 6.15 35.11 -14.41
C GLN C 172 5.58 36.34 -15.09
N ASN C 173 5.80 36.43 -16.39
CA ASN C 173 5.34 37.52 -17.15
C ASN C 173 3.81 37.72 -17.06
N PHE C 174 3.05 36.62 -17.20
CA PHE C 174 1.63 36.73 -17.21
C PHE C 174 1.20 37.24 -15.81
N TYR C 175 1.87 36.77 -14.77
CA TYR C 175 1.53 37.18 -13.40
C TYR C 175 1.76 38.67 -13.20
N GLU C 176 2.74 39.23 -13.87
CA GLU C 176 2.99 40.67 -13.86
C GLU C 176 1.86 41.47 -14.50
N LYS C 177 1.32 40.93 -15.59
CA LYS C 177 0.22 41.58 -16.23
C LYS C 177 -1.02 41.49 -15.37
N ILE C 178 -1.27 40.34 -14.76
CA ILE C 178 -2.42 40.23 -13.88
C ILE C 178 -2.33 41.24 -12.78
N TYR C 179 -1.14 41.32 -12.19
CA TYR C 179 -0.98 42.18 -11.01
C TYR C 179 -1.33 43.60 -11.43
N ASN C 180 -0.88 44.00 -12.59
CA ASN C 180 -1.00 45.38 -13.03
C ASN C 180 -2.46 45.73 -13.39
N ALA C 181 -3.14 44.74 -14.00
CA ALA C 181 -4.54 44.81 -14.42
C ALA C 181 -5.59 44.92 -13.28
N LEU C 182 -5.24 44.43 -12.12
CA LEU C 182 -6.05 44.45 -10.94
C LEU C 182 -5.96 45.80 -10.24
N LYS C 183 -7.03 46.16 -9.57
CA LYS C 183 -7.09 47.35 -8.77
C LYS C 183 -6.24 47.21 -7.51
N PRO C 184 -6.10 48.28 -6.72
CA PRO C 184 -5.13 48.12 -5.63
C PRO C 184 -5.51 47.05 -4.58
N ASN C 185 -6.78 46.77 -4.40
CA ASN C 185 -7.17 45.61 -3.58
C ASN C 185 -7.83 44.45 -4.31
N GLY C 186 -7.47 44.26 -5.59
CA GLY C 186 -8.01 43.13 -6.31
C GLY C 186 -7.41 41.79 -5.89
N TYR C 187 -8.14 40.77 -6.31
CA TYR C 187 -7.76 39.39 -6.13
C TYR C 187 -7.70 38.66 -7.48
N CYS C 188 -6.78 37.69 -7.57
CA CYS C 188 -6.74 36.73 -8.65
C CYS C 188 -6.72 35.29 -8.14
N VAL C 189 -7.60 34.44 -8.68
CA VAL C 189 -7.47 33.01 -8.51
C VAL C 189 -7.19 32.38 -9.87
N ALA C 190 -6.38 31.32 -9.88
CA ALA C 190 -6.09 30.59 -11.12
C ALA C 190 -6.00 29.12 -10.81
N GLN C 191 -6.40 28.37 -11.82
CA GLN C 191 -6.28 26.92 -11.92
C GLN C 191 -4.80 26.51 -11.82
N CYS C 192 -4.52 25.57 -10.96
CA CYS C 192 -3.15 25.32 -10.62
C CYS C 192 -2.93 23.89 -10.19
N GLU C 193 -3.54 22.99 -10.94
CA GLU C 193 -3.09 21.63 -11.13
C GLU C 193 -3.28 20.75 -9.88
N SER C 194 -2.84 19.48 -9.95
CA SER C 194 -3.02 18.48 -8.91
C SER C 194 -1.82 18.36 -8.00
N LEU C 195 -2.10 18.52 -6.69
CA LEU C 195 -1.11 18.38 -5.63
C LEU C 195 -0.47 16.94 -5.56
N TRP C 196 -1.07 15.94 -6.18
CA TRP C 196 -0.52 14.63 -6.16
C TRP C 196 0.54 14.39 -7.20
N ILE C 197 0.63 15.21 -8.23
CA ILE C 197 1.65 14.95 -9.25
C ILE C 197 2.31 16.16 -9.84
N HIS C 198 1.80 17.36 -9.55
CA HIS C 198 2.32 18.58 -10.16
C HIS C 198 2.94 19.54 -9.15
N VAL C 199 3.57 18.99 -8.10
CA VAL C 199 4.19 19.82 -7.11
C VAL C 199 5.21 20.73 -7.81
N GLY C 200 5.86 20.28 -8.88
CA GLY C 200 6.84 21.12 -9.52
C GLY C 200 6.24 22.40 -10.07
N THR C 201 5.12 22.24 -10.78
CA THR C 201 4.40 23.36 -11.32
C THR C 201 3.80 24.24 -10.22
N ILE C 202 3.23 23.63 -9.21
CA ILE C 202 2.61 24.38 -8.17
C ILE C 202 3.60 25.34 -7.49
N LYS C 203 4.80 24.86 -7.21
CA LYS C 203 5.86 25.70 -6.60
C LYS C 203 6.33 26.81 -7.51
N ASN C 204 6.46 26.49 -8.80
CA ASN C 204 6.83 27.50 -9.75
C ASN C 204 5.80 28.61 -9.67
N MET C 205 4.52 28.24 -9.67
CA MET C 205 3.45 29.21 -9.79
C MET C 205 3.27 30.02 -8.51
N ILE C 206 3.29 29.37 -7.37
CA ILE C 206 3.37 30.11 -6.12
C ILE C 206 4.59 31.10 -6.15
N GLY C 207 5.72 30.66 -6.72
CA GLY C 207 6.93 31.49 -6.84
C GLY C 207 6.72 32.77 -7.62
N TYR C 208 6.12 32.61 -8.79
CA TYR C 208 5.83 33.73 -9.62
C TYR C 208 4.91 34.69 -8.95
N ALA C 209 3.91 34.15 -8.33
CA ALA C 209 2.95 35.02 -7.70
C ALA C 209 3.50 35.73 -6.46
N LYS C 210 4.31 35.01 -5.69
CA LYS C 210 4.92 35.60 -4.48
C LYS C 210 5.91 36.75 -4.79
N LYS C 211 6.43 36.84 -6.03
CA LYS C 211 7.21 37.99 -6.42
C LYS C 211 6.42 39.24 -6.45
N LEU C 212 5.08 39.15 -6.51
CA LEU C 212 4.20 40.33 -6.72
C LEU C 212 3.22 40.55 -5.62
N PHE C 213 2.54 39.49 -5.22
CA PHE C 213 1.44 39.60 -4.32
C PHE C 213 1.86 39.49 -2.86
N LYS C 214 1.23 40.27 -1.99
CA LYS C 214 1.52 40.28 -0.56
C LYS C 214 1.20 38.91 0.02
N LYS C 215 0.13 38.31 -0.48
CA LYS C 215 -0.37 37.08 0.10
C LYS C 215 -0.79 36.03 -0.97
N VAL C 216 -0.22 34.85 -0.88
CA VAL C 216 -0.42 33.79 -1.84
C VAL C 216 -0.76 32.49 -1.16
N GLU C 217 -1.90 31.89 -1.51
CA GLU C 217 -2.40 30.73 -0.83
C GLU C 217 -2.84 29.70 -1.92
N TYR C 218 -3.18 28.47 -1.50
CA TYR C 218 -3.49 27.38 -2.41
C TYR C 218 -4.60 26.59 -1.73
N ALA C 219 -5.63 26.29 -2.54
CA ALA C 219 -6.87 25.57 -2.15
C ALA C 219 -7.07 24.39 -3.07
N ASN C 220 -7.66 23.33 -2.55
CA ASN C 220 -7.88 22.13 -3.25
C ASN C 220 -9.37 21.89 -3.39
N ILE C 221 -9.74 21.34 -4.51
CA ILE C 221 -11.17 20.99 -4.90
C ILE C 221 -11.24 19.51 -5.26
N SER C 222 -12.18 18.75 -4.69
CA SER C 222 -12.48 17.39 -5.10
C SER C 222 -13.31 17.40 -6.42
N ILE C 223 -12.80 16.78 -7.48
CA ILE C 223 -13.56 16.68 -8.72
C ILE C 223 -13.00 15.46 -9.47
N PRO C 224 -13.84 14.46 -9.78
CA PRO C 224 -13.30 13.17 -10.14
C PRO C 224 -12.76 13.09 -11.53
N THR C 225 -13.17 13.99 -12.39
CA THR C 225 -12.76 13.87 -13.83
C THR C 225 -11.60 14.75 -14.18
N TYR C 226 -10.93 15.33 -13.18
CA TYR C 226 -9.55 15.76 -13.40
C TYR C 226 -8.53 14.76 -12.85
N PRO C 227 -7.35 14.68 -13.46
CA PRO C 227 -6.41 13.71 -13.00
C PRO C 227 -6.07 13.83 -11.50
N CYS C 228 -6.04 12.65 -10.86
CA CYS C 228 -5.87 12.48 -9.39
C CYS C 228 -7.10 12.88 -8.59
N GLY C 229 -8.14 13.33 -9.29
CA GLY C 229 -9.43 13.60 -8.68
C GLY C 229 -9.51 14.87 -7.88
N CYS C 230 -8.59 15.78 -8.15
CA CYS C 230 -8.54 17.05 -7.53
C CYS C 230 -7.74 18.03 -8.42
N ILE C 231 -7.99 19.32 -8.20
CA ILE C 231 -7.25 20.36 -8.86
C ILE C 231 -7.27 21.55 -7.91
N GLY C 232 -6.22 22.34 -7.96
CA GLY C 232 -6.06 23.43 -7.00
C GLY C 232 -6.31 24.78 -7.62
N ILE C 233 -6.50 25.72 -6.73
CA ILE C 233 -6.63 27.11 -7.02
C ILE C 233 -5.49 27.89 -6.35
N LEU C 234 -4.66 28.51 -7.16
CA LEU C 234 -3.69 29.51 -6.77
C LEU C 234 -4.42 30.80 -6.41
N CYS C 235 -4.23 31.28 -5.20
CA CYS C 235 -4.99 32.38 -4.70
C CYS C 235 -4.09 33.60 -4.34
N CYS C 236 -4.30 34.69 -5.07
CA CYS C 236 -3.41 35.83 -5.05
C CYS C 236 -4.20 37.03 -4.52
N SER C 237 -3.70 37.59 -3.41
CA SER C 237 -4.20 38.78 -2.78
C SER C 237 -3.11 39.87 -2.59
N LYS C 238 -3.56 41.09 -2.85
CA LYS C 238 -2.80 42.25 -2.68
C LYS C 238 -2.91 42.78 -1.23
N THR C 239 -3.82 42.26 -0.43
CA THR C 239 -3.92 42.61 1.03
C THR C 239 -3.34 41.48 1.89
N ASP C 240 -2.96 41.73 3.15
CA ASP C 240 -2.43 40.63 3.99
C ASP C 240 -3.44 39.57 4.34
N THR C 241 -4.70 39.97 4.46
CA THR C 241 -5.77 39.07 4.89
C THR C 241 -6.02 37.83 3.96
N GLY C 242 -5.62 37.90 2.70
CA GLY C 242 -5.86 36.79 1.81
C GLY C 242 -7.26 36.34 1.50
N LEU C 243 -7.41 35.05 1.24
CA LEU C 243 -8.64 34.57 0.56
C LEU C 243 -9.34 33.43 1.28
N THR C 244 -8.84 33.05 2.45
CA THR C 244 -9.36 31.86 3.15
C THR C 244 -10.65 32.14 3.96
N LYS C 245 -11.05 33.39 4.13
CA LYS C 245 -12.24 33.75 4.98
C LYS C 245 -13.28 34.62 4.31
N PRO C 246 -14.44 34.07 4.08
CA PRO C 246 -15.36 34.93 3.32
C PRO C 246 -15.91 36.08 4.16
N ASN C 247 -16.08 37.22 3.54
CA ASN C 247 -16.76 38.37 4.10
C ASN C 247 -18.24 38.37 3.79
N LYS C 248 -18.76 37.33 3.17
CA LYS C 248 -20.18 37.28 2.91
C LYS C 248 -20.64 35.83 2.67
N LYS C 249 -21.95 35.60 2.81
CA LYS C 249 -22.54 34.29 2.62
C LYS C 249 -23.53 34.35 1.52
N LEU C 250 -23.61 33.25 0.78
CA LEU C 250 -24.47 33.15 -0.36
C LEU C 250 -25.79 32.43 0.03
N GLU C 251 -26.78 33.22 0.47
CA GLU C 251 -28.01 32.73 1.09
C GLU C 251 -29.25 33.13 0.30
N SER C 252 -29.13 34.17 -0.49
CA SER C 252 -30.22 34.69 -1.24
C SER C 252 -30.59 33.67 -2.26
N LYS C 253 -31.71 33.93 -2.91
CA LYS C 253 -32.40 32.99 -3.78
C LYS C 253 -31.57 32.72 -5.00
N GLU C 254 -30.75 33.66 -5.41
CA GLU C 254 -29.97 33.38 -6.62
C GLU C 254 -28.85 32.34 -6.34
N PHE C 255 -28.57 32.02 -5.06
CA PHE C 255 -27.55 31.05 -4.71
C PHE C 255 -28.16 29.78 -4.18
N ALA C 256 -29.46 29.60 -4.42
CA ALA C 256 -30.17 28.41 -3.93
C ALA C 256 -29.78 27.19 -4.74
N ASP C 257 -29.27 27.34 -5.93
CA ASP C 257 -28.90 26.12 -6.68
C ASP C 257 -27.47 25.53 -6.40
N LEU C 258 -26.72 26.09 -5.42
CA LEU C 258 -25.28 25.73 -5.29
C LEU C 258 -25.13 24.28 -4.82
N LYS C 259 -24.21 23.56 -5.38
CA LYS C 259 -24.09 22.14 -5.13
C LYS C 259 -22.76 21.71 -4.49
N TYR C 260 -21.77 22.59 -4.45
CA TYR C 260 -20.54 22.28 -3.73
C TYR C 260 -20.27 23.34 -2.68
N TYR C 261 -20.18 24.63 -3.08
CA TYR C 261 -19.62 25.69 -2.22
C TYR C 261 -20.55 26.02 -1.03
N ASN C 262 -19.98 26.27 0.12
CA ASN C 262 -20.68 26.93 1.16
C ASN C 262 -19.68 27.62 2.07
N TYR C 263 -20.18 28.32 3.05
CA TYR C 263 -19.33 29.10 3.89
C TYR C 263 -18.19 28.28 4.53
N GLU C 264 -18.50 27.11 5.06
CA GLU C 264 -17.48 26.22 5.60
C GLU C 264 -16.53 25.58 4.60
N ASN C 265 -17.04 25.15 3.47
CA ASN C 265 -16.18 24.49 2.46
C ASN C 265 -15.11 25.46 1.94
N HIS C 266 -15.43 26.76 2.04
CA HIS C 266 -14.53 27.80 1.59
C HIS C 266 -13.18 27.69 2.29
N SER C 267 -13.16 27.80 3.64
N SER C 267 -13.17 27.78 3.62
CA SER C 267 -12.09 27.76 4.48
CA SER C 267 -11.93 27.77 4.32
C SER C 267 -11.51 26.41 4.42
C SER C 267 -11.41 26.34 4.51
N ALA C 268 -12.28 25.32 4.46
CA ALA C 268 -11.72 23.96 4.53
C ALA C 268 -10.88 23.61 3.33
N ALA C 269 -11.20 24.21 2.19
CA ALA C 269 -10.42 23.89 0.95
C ALA C 269 -8.95 24.31 1.03
N PHE C 270 -8.63 25.17 2.00
CA PHE C 270 -7.28 25.68 2.16
C PHE C 270 -6.54 24.87 3.17
N LYS C 271 -7.18 23.88 3.74
CA LYS C 271 -6.48 23.01 4.69
C LYS C 271 -5.81 21.85 3.97
N LEU C 272 -4.51 21.93 3.72
CA LEU C 272 -3.87 21.07 2.77
C LEU C 272 -3.13 19.92 3.45
N PRO C 273 -2.80 18.92 2.68
CA PRO C 273 -2.03 17.80 3.31
C PRO C 273 -0.64 18.18 3.74
N ALA C 274 -0.18 17.55 4.81
CA ALA C 274 1.09 17.91 5.42
C ALA C 274 2.23 17.97 4.41
N PHE C 275 2.31 17.01 3.48
CA PHE C 275 3.50 16.98 2.63
C PHE C 275 3.54 18.18 1.75
N LEU C 276 2.37 18.66 1.36
CA LEU C 276 2.31 19.74 0.39
C LEU C 276 2.67 20.98 1.20
N LEU C 277 2.18 21.11 2.43
CA LEU C 277 2.60 22.29 3.24
C LEU C 277 4.12 22.45 3.37
N LYS C 278 4.76 21.33 3.61
CA LYS C 278 6.18 21.29 3.66
C LYS C 278 6.92 21.65 2.36
N GLU C 279 6.38 21.23 1.20
CA GLU C 279 6.99 21.67 -0.07
C GLU C 279 6.85 23.17 -0.28
N ILE C 280 5.72 23.73 0.19
CA ILE C 280 5.42 25.15 0.05
C ILE C 280 6.34 26.01 0.96
N GLU C 281 6.65 25.52 2.15
CA GLU C 281 7.73 26.09 2.98
C GLU C 281 9.06 26.16 2.23
N ASN C 282 9.31 25.30 1.25
CA ASN C 282 10.55 25.38 0.46
C ASN C 282 10.47 26.19 -0.82
N ILE C 283 9.58 27.16 -0.90
CA ILE C 283 9.54 27.96 -2.14
C ILE C 283 10.30 29.26 -1.99
#